data_6K8H
#
_entry.id   6K8H
#
_cell.length_a   82.064
_cell.length_b   61.246
_cell.length_c   185.389
_cell.angle_alpha   90.00
_cell.angle_beta   90.00
_cell.angle_gamma   90.00
#
_symmetry.space_group_name_H-M   'P 21 21 21'
#
loop_
_entity.id
_entity.type
_entity.pdbx_description
1 polymer 'Aminotransferase class-III'
2 non-polymer '(5-HYDROXY-4,6-DIMETHYLPYRIDIN-3-YL)METHYL DIHYDROGEN PHOSPHATE'
3 water water
#
_entity_poly.entity_id   1
_entity_poly.type   'polypeptide(L)'
_entity_poly.pdbx_seq_one_letter_code
;MSSGSRRGGNVYREPGSAAADLFERARRVLPGGNTRTTVYSAPYPPYAARGRGAVIVDADGEERLDFVNNYTALIHGHAD
PDINEAVIRQLADGVAFAMPTEHEIALAELLTERVPSLQQVRFTNSGTEAVMMAIKAARAYTGRPRIAKFDGCYHGSYDF
AEVSTQSSGKPGEDGFPVATPYTGGTPQAVLDSVVVLPFNDIDGTERLIEQHRDELAAVLIDPNPRSLGLYPAEPAFLQR
LREITRAYGIVLIFDEVISLRSDYGGMQSVLGVTPDLTAMGKIIGGGFPVGAVGGSAEVMSVFDPTGGPPRAPHGGTFNA
NPVTMVAGLTAMRKLTPAEFDRLATLGQQLRAGVEEVLREAGVPGQVTGYGSLFHIHLHQRPLADYRNSVLSAQERAFVG
RVHEALMGRGIFITPALFGCLSTPMGVPEVEAFVDAFAAALQDARGLEHHHHHH
;
_entity_poly.pdbx_strand_id   A,B
#
loop_
_chem_comp.id
_chem_comp.type
_chem_comp.name
_chem_comp.formula
PLR non-polymer '(5-HYDROXY-4,6-DIMETHYLPYRIDIN-3-YL)METHYL DIHYDROGEN PHOSPHATE' 'C8 H12 N O5 P'
#
# COMPACT_ATOMS: atom_id res chain seq x y z
N GLY A 9 29.70 -21.17 -0.12
CA GLY A 9 29.60 -21.35 -1.56
C GLY A 9 28.18 -21.63 -2.04
N ASN A 10 27.24 -20.75 -1.70
CA ASN A 10 25.86 -20.85 -2.17
C ASN A 10 25.27 -22.21 -1.82
N VAL A 11 25.42 -22.58 -0.55
CA VAL A 11 24.98 -23.93 -0.08
C VAL A 11 23.46 -24.07 -0.24
N TYR A 12 22.73 -22.97 -0.32
CA TYR A 12 21.27 -23.07 -0.41
C TYR A 12 20.79 -23.77 -1.69
N ARG A 13 21.60 -23.76 -2.74
CA ARG A 13 21.24 -24.41 -4.04
C ARG A 13 21.31 -25.94 -3.95
N GLU A 14 22.00 -26.42 -2.92
CA GLU A 14 22.25 -27.87 -2.68
C GLU A 14 20.93 -28.59 -2.41
N PRO A 15 20.71 -29.80 -2.96
CA PRO A 15 19.49 -30.56 -2.66
C PRO A 15 19.35 -30.79 -1.15
N GLY A 16 18.12 -30.66 -0.69
CA GLY A 16 17.84 -30.83 0.71
C GLY A 16 18.28 -29.69 1.59
N SER A 17 18.67 -28.55 1.01
CA SER A 17 18.97 -27.36 1.81
C SER A 17 17.73 -26.86 2.52
N ALA A 18 17.94 -25.99 3.52
CA ALA A 18 16.83 -25.30 4.17
C ALA A 18 16.00 -24.54 3.17
N ALA A 19 16.66 -23.83 2.24
CA ALA A 19 15.93 -23.08 1.22
C ALA A 19 15.09 -24.00 0.36
N ALA A 20 15.61 -25.18 0.01
CA ALA A 20 14.86 -26.10 -0.83
C ALA A 20 13.60 -26.60 -0.11
N ASP A 21 13.71 -26.95 1.17
CA ASP A 21 12.55 -27.41 1.95
C ASP A 21 11.52 -26.29 2.09
N LEU A 22 12.00 -25.07 2.39
CA LEU A 22 11.08 -23.95 2.51
C LEU A 22 10.35 -23.69 1.19
N PHE A 23 11.07 -23.72 0.07
CA PHE A 23 10.42 -23.52 -1.23
C PHE A 23 9.38 -24.62 -1.50
N GLU A 24 9.69 -25.86 -1.12
CA GLU A 24 8.72 -26.93 -1.29
C GLU A 24 7.44 -26.63 -0.52
N ARG A 25 7.56 -26.10 0.71
CA ARG A 25 6.37 -25.67 1.44
C ARG A 25 5.68 -24.49 0.75
N ALA A 26 6.48 -23.50 0.33
CA ALA A 26 5.93 -22.25 -0.18
C ALA A 26 5.10 -22.48 -1.43
N ARG A 27 5.56 -23.35 -2.33
CA ARG A 27 4.86 -23.46 -3.60
C ARG A 27 3.48 -24.10 -3.45
N ARG A 28 3.15 -24.67 -2.29
CA ARG A 28 1.81 -25.18 -2.06
C ARG A 28 0.82 -24.07 -1.69
N VAL A 29 1.30 -22.98 -1.10
CA VAL A 29 0.40 -21.95 -0.59
C VAL A 29 0.67 -20.57 -1.17
N LEU A 30 1.71 -20.40 -1.97
CA LEU A 30 1.99 -19.18 -2.73
C LEU A 30 2.29 -19.55 -4.16
N PRO A 31 1.87 -18.72 -5.12
CA PRO A 31 2.06 -19.05 -6.55
C PRO A 31 3.53 -19.13 -6.94
N GLY A 32 3.96 -20.31 -7.41
CA GLY A 32 5.38 -20.53 -7.60
C GLY A 32 6.22 -20.31 -6.35
N GLY A 33 5.61 -20.42 -5.17
CA GLY A 33 6.30 -20.16 -3.92
C GLY A 33 6.69 -18.72 -3.69
N ASN A 34 5.99 -17.77 -4.33
CA ASN A 34 6.45 -16.39 -4.41
C ASN A 34 5.34 -15.40 -4.02
N THR A 35 5.71 -14.33 -3.32
CA THR A 35 4.78 -13.24 -3.07
C THR A 35 5.39 -11.87 -3.37
N ARG A 36 6.60 -11.89 -3.93
CA ARG A 36 7.29 -10.64 -4.34
C ARG A 36 8.10 -11.01 -5.57
N THR A 37 7.71 -10.53 -6.75
CA THR A 37 8.41 -11.00 -7.94
C THR A 37 9.89 -10.69 -7.88
N THR A 38 10.23 -9.51 -7.33
CA THR A 38 11.60 -9.01 -7.31
C THR A 38 12.57 -9.98 -6.66
N VAL A 39 12.13 -10.74 -5.65
CA VAL A 39 13.05 -11.56 -4.86
C VAL A 39 13.10 -13.01 -5.31
N TYR A 40 12.35 -13.37 -6.35
CA TYR A 40 12.49 -14.71 -6.90
C TYR A 40 13.76 -14.81 -7.74
N SER A 41 14.46 -15.93 -7.59
CA SER A 41 15.49 -16.32 -8.54
C SER A 41 15.42 -17.84 -8.67
N ALA A 42 15.80 -18.34 -9.87
CA ALA A 42 15.52 -19.71 -10.28
C ALA A 42 16.65 -20.65 -9.88
N PRO A 43 16.36 -21.94 -9.58
CA PRO A 43 15.03 -22.53 -9.48
C PRO A 43 14.26 -22.06 -8.25
N TYR A 44 14.97 -21.70 -7.18
CA TYR A 44 14.38 -21.15 -5.99
C TYR A 44 15.39 -20.21 -5.33
N PRO A 45 14.93 -19.18 -4.65
CA PRO A 45 15.87 -18.20 -4.05
C PRO A 45 16.36 -18.68 -2.70
N PRO A 46 17.40 -18.05 -2.15
CA PRO A 46 17.71 -18.27 -0.74
C PRO A 46 16.65 -17.61 0.12
N TYR A 47 16.54 -18.09 1.36
CA TYR A 47 15.62 -17.53 2.34
C TYR A 47 16.41 -16.85 3.45
N ALA A 48 15.98 -15.64 3.83
CA ALA A 48 16.60 -14.91 4.92
C ALA A 48 16.14 -15.49 6.25
N ALA A 49 17.09 -15.70 7.18
CA ALA A 49 16.78 -16.08 8.55
C ALA A 49 16.83 -14.89 9.48
N ARG A 50 17.87 -14.08 9.38
CA ARG A 50 17.98 -12.92 10.25
C ARG A 50 19.05 -11.99 9.67
N GLY A 51 19.25 -10.86 10.34
CA GLY A 51 20.32 -9.95 9.96
C GLY A 51 20.80 -9.19 11.17
N ARG A 52 22.03 -8.66 11.06
CA ARG A 52 22.57 -7.77 12.09
C ARG A 52 23.53 -6.81 11.43
N GLY A 53 23.31 -5.52 11.60
CA GLY A 53 24.15 -4.52 10.99
C GLY A 53 24.15 -4.69 9.48
N ALA A 54 25.33 -4.86 8.90
CA ALA A 54 25.46 -5.02 7.46
C ALA A 54 25.44 -6.49 7.02
N VAL A 55 25.08 -7.42 7.89
CA VAL A 55 25.19 -8.85 7.60
C VAL A 55 23.79 -9.46 7.50
N ILE A 56 23.52 -10.19 6.41
CA ILE A 56 22.30 -10.98 6.26
C ILE A 56 22.67 -12.46 6.36
N VAL A 57 21.87 -13.22 7.10
CA VAL A 57 22.09 -14.65 7.33
C VAL A 57 20.90 -15.40 6.76
N ASP A 58 21.19 -16.36 5.89
CA ASP A 58 20.13 -17.09 5.22
C ASP A 58 19.79 -18.36 6.01
N ALA A 59 18.74 -19.05 5.54
CA ALA A 59 18.21 -20.17 6.31
C ALA A 59 19.18 -21.33 6.40
N ASP A 60 20.19 -21.37 5.54
CA ASP A 60 21.23 -22.40 5.57
C ASP A 60 22.48 -21.95 6.31
N GLY A 61 22.41 -20.86 7.06
CA GLY A 61 23.50 -20.39 7.89
C GLY A 61 24.57 -19.60 7.18
N GLU A 62 24.45 -19.37 5.87
CA GLU A 62 25.47 -18.64 5.13
C GLU A 62 25.31 -17.14 5.35
N GLU A 63 26.40 -16.48 5.70
CA GLU A 63 26.41 -15.04 5.97
C GLU A 63 26.95 -14.26 4.78
N ARG A 64 26.28 -13.14 4.46
CA ARG A 64 26.70 -12.27 3.37
C ARG A 64 26.61 -10.83 3.82
N LEU A 65 27.52 -10.01 3.28
CA LEU A 65 27.40 -8.57 3.43
C LEU A 65 26.26 -8.09 2.55
N ASP A 66 25.33 -7.34 3.12
CA ASP A 66 24.08 -7.00 2.43
C ASP A 66 24.25 -5.66 1.72
N PHE A 67 24.39 -5.71 0.40
CA PHE A 67 24.42 -4.50 -0.41
C PHE A 67 23.11 -4.30 -1.16
N VAL A 68 22.04 -4.95 -0.69
CA VAL A 68 20.70 -4.77 -1.23
C VAL A 68 19.82 -4.01 -0.25
N ASN A 69 19.81 -4.43 1.02
CA ASN A 69 19.10 -3.72 2.11
C ASN A 69 17.65 -3.44 1.73
N ASN A 70 16.96 -4.50 1.33
CA ASN A 70 15.57 -4.46 0.88
C ASN A 70 15.38 -3.37 -0.17
N TYR A 71 16.26 -3.40 -1.17
CA TYR A 71 16.24 -2.48 -2.31
C TYR A 71 16.29 -1.02 -1.89
N THR A 72 17.28 -0.72 -1.03
CA THR A 72 17.71 0.58 -0.51
C THR A 72 16.81 1.10 0.62
N ALA A 73 15.79 0.35 1.04
CA ALA A 73 14.91 0.85 2.09
C ALA A 73 15.60 0.91 3.45
N LEU A 74 16.44 -0.08 3.76
CA LEU A 74 17.03 -0.15 5.10
C LEU A 74 18.41 0.49 5.08
N ILE A 75 18.41 1.82 5.11
CA ILE A 75 19.66 2.57 5.05
C ILE A 75 20.50 2.32 6.31
N HIS A 76 19.87 1.93 7.42
CA HIS A 76 20.60 1.62 8.63
C HIS A 76 20.86 0.13 8.83
N GLY A 77 20.64 -0.69 7.81
CA GLY A 77 20.95 -2.10 7.94
C GLY A 77 19.94 -2.86 8.79
N HIS A 78 20.39 -4.00 9.29
CA HIS A 78 19.49 -4.93 9.94
C HIS A 78 19.44 -4.70 11.44
N ALA A 79 18.21 -4.70 11.98
CA ALA A 79 17.94 -4.61 13.42
C ALA A 79 18.72 -3.47 14.05
N ASP A 80 18.57 -2.28 13.48
CA ASP A 80 19.21 -1.09 14.02
C ASP A 80 18.68 -0.87 15.44
N PRO A 81 19.57 -0.68 16.43
CA PRO A 81 19.09 -0.59 17.83
C PRO A 81 18.22 0.63 18.10
N ASP A 82 18.55 1.79 17.52
CA ASP A 82 17.76 3.00 17.80
C ASP A 82 16.33 2.87 17.29
N ILE A 83 16.17 2.40 16.06
CA ILE A 83 14.84 2.19 15.50
C ILE A 83 14.08 1.18 16.36
N ASN A 84 14.75 0.10 16.76
CA ASN A 84 14.09 -0.90 17.61
C ASN A 84 13.64 -0.31 18.93
N GLU A 85 14.47 0.51 19.57
CA GLU A 85 14.07 1.19 20.81
C GLU A 85 12.81 2.00 20.60
N ALA A 86 12.81 2.84 19.56
CA ALA A 86 11.67 3.70 19.31
C ALA A 86 10.40 2.89 19.04
N VAL A 87 10.52 1.83 18.25
CA VAL A 87 9.36 0.99 17.96
C VAL A 87 8.85 0.31 19.23
N ILE A 88 9.77 -0.20 20.05
CA ILE A 88 9.35 -0.90 21.29
C ILE A 88 8.62 0.09 22.19
N ARG A 89 9.11 1.31 22.29
CA ARG A 89 8.41 2.34 23.05
C ARG A 89 7.00 2.54 22.53
N GLN A 90 6.85 2.58 21.20
CA GLN A 90 5.51 2.81 20.63
C GLN A 90 4.59 1.63 20.84
N LEU A 91 5.12 0.41 20.82
CA LEU A 91 4.25 -0.77 20.94
C LEU A 91 3.43 -0.73 22.22
N ALA A 92 4.01 -0.20 23.30
CA ALA A 92 3.29 -0.11 24.57
C ALA A 92 2.09 0.82 24.50
N ASP A 93 2.09 1.77 23.56
CA ASP A 93 1.00 2.73 23.40
C ASP A 93 -0.06 2.28 22.40
N GLY A 94 0.28 1.33 21.52
CA GLY A 94 -0.57 0.88 20.43
C GLY A 94 0.01 1.25 19.07
N VAL A 95 -0.35 0.44 18.06
CA VAL A 95 0.32 0.52 16.77
C VAL A 95 -0.52 1.17 15.69
N ALA A 96 -1.82 1.39 15.91
CA ALA A 96 -2.67 2.01 14.90
C ALA A 96 -3.95 2.50 15.56
N PHE A 97 -4.47 3.63 15.08
CA PHE A 97 -5.64 4.28 15.68
C PHE A 97 -6.51 4.90 14.60
N ALA A 98 -7.82 4.95 14.85
CA ALA A 98 -8.74 5.65 13.96
C ALA A 98 -8.85 7.15 14.29
N MET A 99 -7.76 7.68 14.83
CA MET A 99 -7.62 9.14 15.08
C MET A 99 -6.20 9.49 14.67
N PRO A 100 -5.94 10.71 14.16
CA PRO A 100 -4.55 11.14 13.92
C PRO A 100 -3.75 11.16 15.23
N THR A 101 -2.43 11.13 15.09
CA THR A 101 -1.53 11.25 16.22
C THR A 101 -0.46 12.29 15.92
N GLU A 102 0.23 12.71 16.98
CA GLU A 102 1.34 13.66 16.84
C GLU A 102 2.49 13.09 16.02
N HIS A 103 2.64 11.76 15.96
CA HIS A 103 3.79 11.17 15.27
C HIS A 103 3.78 11.50 13.78
N GLU A 104 2.59 11.50 13.17
CA GLU A 104 2.50 11.88 11.76
C GLU A 104 2.95 13.32 11.56
N ILE A 105 2.62 14.20 12.52
CA ILE A 105 3.04 15.59 12.44
C ILE A 105 4.55 15.70 12.51
N ALA A 106 5.18 14.97 13.43
CA ALA A 106 6.63 15.07 13.59
C ALA A 106 7.37 14.62 12.33
N LEU A 107 6.95 13.51 11.74
CA LEU A 107 7.66 13.10 10.52
C LEU A 107 7.40 14.08 9.37
N ALA A 108 6.16 14.57 9.25
CA ALA A 108 5.87 15.58 8.23
C ALA A 108 6.72 16.82 8.44
N GLU A 109 6.89 17.24 9.68
CA GLU A 109 7.71 18.40 9.99
C GLU A 109 9.14 18.17 9.52
N LEU A 110 9.70 16.99 9.80
CA LEU A 110 11.06 16.70 9.36
C LEU A 110 11.18 16.74 7.84
N LEU A 111 10.27 16.04 7.15
CA LEU A 111 10.37 15.97 5.69
C LEU A 111 10.22 17.35 5.06
N THR A 112 9.26 18.14 5.53
CA THR A 112 9.07 19.45 4.91
C THR A 112 10.19 20.40 5.27
N GLU A 113 10.83 20.22 6.44
CA GLU A 113 11.99 21.07 6.73
C GLU A 113 13.17 20.72 5.83
N ARG A 114 13.34 19.43 5.49
CA ARG A 114 14.54 19.01 4.77
C ARG A 114 14.44 19.16 3.24
N VAL A 115 13.29 18.89 2.64
CA VAL A 115 13.17 18.87 1.18
C VAL A 115 12.50 20.16 0.73
N PRO A 116 13.17 21.01 -0.06
CA PRO A 116 12.61 22.33 -0.34
C PRO A 116 11.24 22.32 -1.02
N SER A 117 11.03 21.43 -1.99
CA SER A 117 9.74 21.36 -2.69
C SER A 117 8.60 20.93 -1.78
N LEU A 118 8.87 20.25 -0.66
CA LEU A 118 7.80 19.71 0.20
C LEU A 118 7.30 20.81 1.13
N GLN A 119 6.13 21.38 0.83
CA GLN A 119 5.48 22.25 1.80
C GLN A 119 4.48 21.48 2.65
N GLN A 120 3.76 20.54 2.03
CA GLN A 120 2.89 19.64 2.78
C GLN A 120 3.05 18.23 2.23
N VAL A 121 2.81 17.23 3.08
CA VAL A 121 2.92 15.82 2.73
C VAL A 121 1.69 15.06 3.21
N ARG A 122 1.51 13.87 2.62
CA ARG A 122 0.56 12.86 3.10
C ARG A 122 1.27 11.51 3.05
N PHE A 123 0.94 10.66 4.00
CA PHE A 123 1.58 9.35 4.09
C PHE A 123 0.68 8.28 3.50
N THR A 124 1.31 7.31 2.86
CA THR A 124 0.66 6.16 2.27
C THR A 124 1.33 4.91 2.82
N ASN A 125 0.97 3.75 2.30
CA ASN A 125 1.49 2.49 2.81
C ASN A 125 2.55 1.86 1.90
N SER A 126 2.95 2.54 0.83
CA SER A 126 3.92 1.98 -0.09
C SER A 126 4.34 3.07 -1.07
N GLY A 127 5.51 2.89 -1.71
CA GLY A 127 5.88 3.80 -2.79
C GLY A 127 4.93 3.71 -3.96
N THR A 128 4.44 2.50 -4.24
CA THR A 128 3.42 2.32 -5.27
C THR A 128 2.22 3.21 -5.00
N GLU A 129 1.73 3.20 -3.76
CA GLU A 129 0.60 4.07 -3.39
C GLU A 129 0.96 5.54 -3.49
N ALA A 130 2.18 5.92 -3.06
CA ALA A 130 2.59 7.30 -3.17
C ALA A 130 2.57 7.78 -4.63
N VAL A 131 3.09 6.96 -5.54
CA VAL A 131 3.10 7.32 -6.97
C VAL A 131 1.68 7.44 -7.50
N MET A 132 0.82 6.48 -7.15
CA MET A 132 -0.57 6.56 -7.56
C MET A 132 -1.23 7.83 -7.06
N MET A 133 -1.01 8.16 -5.79
CA MET A 133 -1.71 9.32 -5.24
C MET A 133 -1.14 10.63 -5.77
N ALA A 134 0.14 10.67 -6.16
CA ALA A 134 0.65 11.88 -6.84
C ALA A 134 0.01 12.04 -8.22
N ILE A 135 -0.12 10.94 -8.95
CA ILE A 135 -0.81 10.98 -10.24
C ILE A 135 -2.26 11.44 -10.07
N LYS A 136 -2.96 10.85 -9.09
CA LYS A 136 -4.36 11.24 -8.89
C LYS A 136 -4.47 12.68 -8.42
N ALA A 137 -3.50 13.15 -7.64
CA ALA A 137 -3.52 14.55 -7.23
C ALA A 137 -3.36 15.46 -8.44
N ALA A 138 -2.46 15.10 -9.36
CA ALA A 138 -2.24 15.90 -10.56
C ALA A 138 -3.49 15.93 -11.45
N ARG A 139 -4.16 14.78 -11.61
CA ARG A 139 -5.43 14.77 -12.32
C ARG A 139 -6.44 15.70 -11.65
N ALA A 140 -6.52 15.64 -10.32
CA ALA A 140 -7.50 16.48 -9.62
C ALA A 140 -7.16 17.96 -9.73
N TYR A 141 -5.87 18.27 -9.72
CA TYR A 141 -5.44 19.66 -9.76
C TYR A 141 -5.64 20.25 -11.15
N THR A 142 -5.26 19.50 -12.19
CA THR A 142 -5.29 20.02 -13.56
C THR A 142 -6.59 19.74 -14.30
N GLY A 143 -7.33 18.71 -13.88
CA GLY A 143 -8.50 18.26 -14.62
C GLY A 143 -8.19 17.38 -15.81
N ARG A 144 -6.89 17.16 -16.12
CA ARG A 144 -6.47 16.46 -17.33
C ARG A 144 -6.29 14.96 -17.07
N PRO A 145 -6.53 14.12 -18.09
CA PRO A 145 -6.57 12.67 -17.85
C PRO A 145 -5.25 11.93 -18.03
N ARG A 146 -4.38 12.39 -18.91
CA ARG A 146 -3.20 11.60 -19.27
C ARG A 146 -1.99 11.96 -18.42
N ILE A 147 -1.02 11.04 -18.40
CA ILE A 147 0.27 11.28 -17.78
C ILE A 147 1.37 10.87 -18.75
N ALA A 148 2.55 11.42 -18.50
CA ALA A 148 3.76 11.07 -19.24
C ALA A 148 4.77 10.47 -18.27
N LYS A 149 5.48 9.45 -18.73
CA LYS A 149 6.60 8.89 -17.99
C LYS A 149 7.69 8.51 -18.99
N PHE A 150 8.83 8.06 -18.48
CA PHE A 150 9.98 7.81 -19.32
C PHE A 150 10.15 6.31 -19.55
N ASP A 151 10.47 5.96 -20.80
CA ASP A 151 10.62 4.59 -21.24
C ASP A 151 11.61 3.82 -20.37
N GLY A 152 11.24 2.60 -19.97
CA GLY A 152 12.15 1.74 -19.23
C GLY A 152 12.32 2.01 -17.75
N CYS A 153 11.44 2.80 -17.13
CA CYS A 153 11.63 3.18 -15.74
C CYS A 153 10.56 2.53 -14.87
N TYR A 154 10.95 2.12 -13.67
CA TYR A 154 10.06 1.39 -12.77
C TYR A 154 9.50 2.38 -11.75
N HIS A 155 8.19 2.30 -11.52
CA HIS A 155 7.54 3.18 -10.55
C HIS A 155 6.55 2.44 -9.64
N GLY A 156 6.60 1.11 -9.59
CA GLY A 156 5.65 0.35 -8.79
C GLY A 156 4.60 -0.34 -9.67
N SER A 157 3.54 -0.80 -9.02
CA SER A 157 2.58 -1.69 -9.67
C SER A 157 1.28 -1.01 -10.11
N TYR A 158 1.13 0.30 -9.87
CA TYR A 158 -0.05 1.04 -10.35
C TYR A 158 -0.10 1.05 -11.88
N ASP A 159 -1.27 0.72 -12.44
CA ASP A 159 -1.42 0.49 -13.88
C ASP A 159 -0.74 1.56 -14.72
N PHE A 160 -1.07 2.84 -14.48
CA PHE A 160 -0.59 3.90 -15.36
C PHE A 160 0.90 4.16 -15.20
N ALA A 161 1.44 4.01 -13.99
CA ALA A 161 2.86 4.24 -13.78
C ALA A 161 3.75 3.12 -14.31
N GLU A 162 3.22 1.92 -14.52
CA GLU A 162 4.05 0.80 -14.92
C GLU A 162 4.07 0.58 -16.43
N VAL A 163 3.31 1.36 -17.21
CA VAL A 163 3.36 1.22 -18.67
C VAL A 163 4.79 1.46 -19.13
N SER A 164 5.29 0.59 -20.01
CA SER A 164 6.64 0.70 -20.56
C SER A 164 7.73 0.56 -19.49
N THR A 165 7.43 -0.18 -18.42
CA THR A 165 8.48 -0.46 -17.43
C THR A 165 9.66 -1.15 -18.11
N GLN A 166 9.37 -2.07 -19.03
CA GLN A 166 10.36 -2.65 -19.93
C GLN A 166 10.17 -2.05 -21.32
N SER A 167 11.18 -1.32 -21.78
CA SER A 167 11.13 -0.75 -23.11
C SER A 167 11.06 -1.85 -24.17
N SER A 168 10.28 -1.56 -25.21
CA SER A 168 10.37 -2.35 -26.46
C SER A 168 11.72 -1.93 -27.08
N GLY A 169 12.36 -2.80 -27.83
CA GLY A 169 13.69 -2.50 -28.33
C GLY A 169 13.70 -1.29 -29.25
N LYS A 170 12.64 -1.10 -30.03
CA LYS A 170 12.56 -0.19 -31.17
C LYS A 170 11.45 0.84 -30.98
N PRO A 171 11.68 2.07 -31.46
CA PRO A 171 10.63 3.10 -31.42
C PRO A 171 9.57 2.76 -32.44
N GLY A 172 8.47 3.50 -32.37
CA GLY A 172 7.47 3.44 -33.41
C GLY A 172 7.88 4.23 -34.63
N GLU A 173 6.93 4.35 -35.57
CA GLU A 173 7.19 5.07 -36.81
C GLU A 173 7.53 6.53 -36.55
N ASP A 174 6.96 7.12 -35.51
CA ASP A 174 7.31 8.50 -35.20
C ASP A 174 8.71 8.63 -34.63
N GLY A 175 9.40 7.51 -34.41
CA GLY A 175 10.73 7.54 -33.85
C GLY A 175 10.78 7.69 -32.35
N PHE A 176 9.64 7.70 -31.70
CA PHE A 176 9.48 7.89 -30.26
C PHE A 176 9.24 6.55 -29.57
N PRO A 177 9.41 6.49 -28.24
CA PRO A 177 9.19 5.21 -27.54
C PRO A 177 7.76 4.71 -27.68
N VAL A 178 7.62 3.41 -27.51
CA VAL A 178 6.34 2.71 -27.62
C VAL A 178 5.81 2.44 -26.22
N ALA A 179 4.52 2.69 -26.02
CA ALA A 179 3.83 2.34 -24.79
C ALA A 179 3.57 0.83 -24.78
N THR A 180 4.31 0.12 -23.95
CA THR A 180 4.23 -1.35 -23.95
C THR A 180 3.67 -1.86 -22.63
N PRO A 181 2.85 -2.94 -22.64
CA PRO A 181 2.29 -3.47 -21.40
C PRO A 181 3.38 -4.12 -20.56
N TYR A 182 3.25 -3.94 -19.25
CA TYR A 182 4.09 -4.63 -18.28
C TYR A 182 3.35 -5.79 -17.62
N THR A 183 2.03 -5.74 -17.57
CA THR A 183 1.21 -6.78 -16.99
C THR A 183 0.25 -7.31 -18.06
N GLY A 184 -0.16 -8.57 -17.91
CA GLY A 184 -1.00 -9.19 -18.93
C GLY A 184 -2.40 -8.60 -18.95
N GLY A 185 -2.98 -8.53 -20.14
CA GLY A 185 -4.33 -8.02 -20.20
C GLY A 185 -4.44 -6.53 -19.95
N THR A 186 -3.36 -5.77 -20.12
CA THR A 186 -3.42 -4.33 -19.94
C THR A 186 -4.47 -3.75 -20.88
N PRO A 187 -5.43 -2.98 -20.38
CA PRO A 187 -6.41 -2.36 -21.28
C PRO A 187 -5.74 -1.41 -22.27
N GLN A 188 -6.24 -1.44 -23.50
CA GLN A 188 -5.77 -0.48 -24.50
C GLN A 188 -5.99 0.96 -24.04
N ALA A 189 -7.07 1.23 -23.29
CA ALA A 189 -7.29 2.60 -22.83
C ALA A 189 -6.20 3.04 -21.84
N VAL A 190 -5.66 2.09 -21.07
CA VAL A 190 -4.54 2.41 -20.18
C VAL A 190 -3.28 2.72 -21.00
N LEU A 191 -2.92 1.85 -21.94
CA LEU A 191 -1.77 2.11 -22.81
C LEU A 191 -1.91 3.44 -23.53
N ASP A 192 -3.08 3.70 -24.09
CA ASP A 192 -3.34 4.92 -24.84
C ASP A 192 -3.31 6.16 -23.97
N SER A 193 -3.53 6.04 -22.66
CA SER A 193 -3.51 7.21 -21.80
C SER A 193 -2.11 7.64 -21.37
N VAL A 194 -1.06 6.92 -21.71
CA VAL A 194 0.28 7.19 -21.19
C VAL A 194 1.19 7.60 -22.35
N VAL A 195 1.78 8.79 -22.22
CA VAL A 195 2.77 9.29 -23.18
C VAL A 195 4.16 8.89 -22.68
N VAL A 196 4.85 8.10 -23.48
CA VAL A 196 6.15 7.54 -23.11
C VAL A 196 7.23 8.38 -23.77
N LEU A 197 8.10 9.03 -22.93
CA LEU A 197 9.16 9.98 -23.25
C LEU A 197 10.53 9.32 -23.20
N PRO A 198 11.52 9.85 -23.95
CA PRO A 198 12.88 9.32 -23.87
C PRO A 198 13.76 10.02 -22.83
N PHE A 199 14.21 9.26 -21.84
CA PHE A 199 15.02 9.82 -20.76
C PHE A 199 16.31 10.43 -21.30
N ASN A 200 16.64 11.62 -20.80
CA ASN A 200 17.89 12.33 -21.14
C ASN A 200 17.98 12.68 -22.62
N ASP A 201 16.85 12.80 -23.30
CA ASP A 201 16.76 13.20 -24.70
C ASP A 201 15.75 14.36 -24.72
N ILE A 202 16.26 15.59 -24.57
CA ILE A 202 15.36 16.71 -24.35
C ILE A 202 14.58 17.05 -25.60
N ASP A 203 15.16 16.84 -26.80
CA ASP A 203 14.43 17.18 -28.02
C ASP A 203 13.17 16.35 -28.17
N GLY A 204 13.29 15.03 -28.09
CA GLY A 204 12.12 14.18 -28.18
C GLY A 204 11.14 14.41 -27.04
N THR A 205 11.66 14.61 -25.83
CA THR A 205 10.81 14.87 -24.67
C THR A 205 9.99 16.12 -24.88
N GLU A 206 10.63 17.19 -25.32
CA GLU A 206 9.91 18.47 -25.56
C GLU A 206 8.89 18.30 -26.68
N ARG A 207 9.25 17.61 -27.75
CA ARG A 207 8.32 17.47 -28.86
C ARG A 207 7.07 16.69 -28.43
N LEU A 208 7.26 15.61 -27.67
CA LEU A 208 6.13 14.82 -27.21
C LEU A 208 5.28 15.60 -26.20
N ILE A 209 5.93 16.30 -25.27
CA ILE A 209 5.17 17.08 -24.30
C ILE A 209 4.36 18.17 -25.00
N GLU A 210 4.97 18.81 -26.00
CA GLU A 210 4.27 19.86 -26.76
C GLU A 210 3.07 19.23 -27.48
N GLN A 211 3.26 18.05 -28.09
CA GLN A 211 2.18 17.39 -28.82
C GLN A 211 0.98 17.11 -27.92
N HIS A 212 1.22 16.83 -26.64
CA HIS A 212 0.14 16.40 -25.73
C HIS A 212 -0.11 17.39 -24.60
N ARG A 213 0.28 18.65 -24.77
CA ARG A 213 0.36 19.58 -23.63
C ARG A 213 -1.00 19.85 -23.01
N ASP A 214 -2.09 19.73 -23.76
CA ASP A 214 -3.41 20.01 -23.21
C ASP A 214 -4.01 18.80 -22.52
N GLU A 215 -3.47 17.60 -22.75
CA GLU A 215 -4.02 16.38 -22.18
C GLU A 215 -3.22 15.85 -21.00
N LEU A 216 -2.08 16.47 -20.67
CA LEU A 216 -1.14 15.91 -19.71
C LEU A 216 -1.34 16.52 -18.33
N ALA A 217 -1.83 15.70 -17.39
CA ALA A 217 -1.91 16.13 -15.99
C ALA A 217 -0.52 16.24 -15.35
N ALA A 218 0.40 15.35 -15.74
CA ALA A 218 1.68 15.26 -15.05
C ALA A 218 2.73 14.65 -15.95
N VAL A 219 3.99 14.96 -15.63
CA VAL A 219 5.15 14.19 -16.07
C VAL A 219 5.77 13.57 -14.82
N LEU A 220 5.91 12.25 -14.83
CA LEU A 220 6.50 11.51 -13.73
C LEU A 220 7.91 11.10 -14.10
N ILE A 221 8.89 11.44 -13.27
CA ILE A 221 10.29 11.19 -13.59
C ILE A 221 11.06 10.76 -12.34
N ASP A 222 11.80 9.68 -12.47
CA ASP A 222 12.79 9.27 -11.49
C ASP A 222 14.10 9.98 -11.80
N PRO A 223 14.65 10.82 -10.91
CA PRO A 223 15.85 11.62 -11.20
C PRO A 223 17.09 10.77 -11.53
N ASN A 224 17.24 9.63 -10.86
CA ASN A 224 18.38 8.71 -11.10
C ASN A 224 17.84 7.29 -11.23
N PRO A 225 17.17 6.92 -12.35
CA PRO A 225 16.54 5.61 -12.43
C PRO A 225 17.53 4.44 -12.43
N ARG A 226 17.30 3.49 -11.52
CA ARG A 226 18.10 2.25 -11.37
C ARG A 226 17.97 1.39 -12.63
N SER A 227 16.77 1.30 -13.20
CA SER A 227 16.49 0.45 -14.35
C SER A 227 17.21 0.91 -15.62
N LEU A 228 17.65 2.16 -15.69
CA LEU A 228 18.43 2.66 -16.82
C LEU A 228 19.91 2.77 -16.48
N GLY A 229 20.38 2.00 -15.53
CA GLY A 229 21.79 1.98 -15.22
C GLY A 229 22.24 2.99 -14.19
N LEU A 230 21.29 3.65 -13.50
CA LEU A 230 21.62 4.61 -12.46
C LEU A 230 22.48 5.76 -13.01
N TYR A 231 22.05 6.32 -14.14
CA TYR A 231 22.67 7.52 -14.68
C TYR A 231 21.67 8.67 -14.55
N PRO A 232 22.00 9.73 -13.82
CA PRO A 232 20.99 10.73 -13.48
C PRO A 232 20.57 11.56 -14.68
N ALA A 233 19.38 12.13 -14.55
CA ALA A 233 18.94 13.16 -15.47
C ALA A 233 19.97 14.28 -15.55
N GLU A 234 20.37 14.62 -16.76
CA GLU A 234 21.38 15.64 -16.93
C GLU A 234 20.79 17.03 -16.66
N PRO A 235 21.62 17.98 -16.20
CA PRO A 235 21.08 19.26 -15.70
C PRO A 235 20.31 20.06 -16.75
N ALA A 236 20.84 20.18 -17.98
CA ALA A 236 20.10 20.93 -18.99
C ALA A 236 18.77 20.25 -19.32
N PHE A 237 18.79 18.92 -19.43
CA PHE A 237 17.57 18.17 -19.68
C PHE A 237 16.53 18.44 -18.58
N LEU A 238 16.95 18.35 -17.31
CA LEU A 238 15.99 18.47 -16.22
C LEU A 238 15.50 19.89 -16.06
N GLN A 239 16.37 20.87 -16.29
CA GLN A 239 15.94 22.27 -16.21
C GLN A 239 14.95 22.60 -17.33
N ARG A 240 15.19 22.10 -18.54
CA ARG A 240 14.22 22.35 -19.61
C ARG A 240 12.89 21.61 -19.37
N LEU A 241 12.95 20.40 -18.78
CA LEU A 241 11.71 19.73 -18.41
C LEU A 241 10.91 20.55 -17.40
N ARG A 242 11.60 21.12 -16.39
CA ARG A 242 10.90 21.97 -15.43
C ARG A 242 10.27 23.18 -16.12
N GLU A 243 11.01 23.80 -17.05
CA GLU A 243 10.49 24.98 -17.73
C GLU A 243 9.25 24.65 -18.56
N ILE A 244 9.27 23.55 -19.31
CA ILE A 244 8.12 23.30 -20.20
C ILE A 244 6.92 22.80 -19.41
N THR A 245 7.12 21.99 -18.37
CA THR A 245 5.97 21.58 -17.58
C THR A 245 5.32 22.78 -16.89
N ARG A 246 6.14 23.69 -16.35
CA ARG A 246 5.56 24.89 -15.77
C ARG A 246 4.82 25.72 -16.82
N ALA A 247 5.37 25.79 -18.04
CA ALA A 247 4.75 26.60 -19.09
C ALA A 247 3.36 26.11 -19.45
N TYR A 248 3.13 24.79 -19.43
CA TYR A 248 1.89 24.20 -19.92
C TYR A 248 0.95 23.77 -18.81
N GLY A 249 1.22 24.18 -17.56
CA GLY A 249 0.36 23.82 -16.45
C GLY A 249 0.39 22.35 -16.12
N ILE A 250 1.49 21.66 -16.42
CA ILE A 250 1.64 20.23 -16.17
C ILE A 250 2.35 20.01 -14.84
N VAL A 251 1.81 19.12 -14.01
CA VAL A 251 2.45 18.84 -12.71
C VAL A 251 3.70 18.00 -12.92
N LEU A 252 4.82 18.45 -12.39
CA LEU A 252 6.06 17.68 -12.44
C LEU A 252 6.18 16.87 -11.15
N ILE A 253 6.17 15.55 -11.29
CA ILE A 253 6.28 14.64 -10.17
C ILE A 253 7.65 13.98 -10.22
N PHE A 254 8.43 14.15 -9.16
CA PHE A 254 9.66 13.39 -8.98
C PHE A 254 9.35 12.12 -8.21
N ASP A 255 9.81 10.99 -8.72
CA ASP A 255 9.79 9.73 -7.99
C ASP A 255 11.14 9.61 -7.30
N GLU A 256 11.19 9.99 -6.02
CA GLU A 256 12.39 9.84 -5.21
C GLU A 256 12.27 8.68 -4.23
N VAL A 257 11.45 7.68 -4.55
CA VAL A 257 11.24 6.55 -3.65
C VAL A 257 12.56 5.88 -3.32
N ILE A 258 13.47 5.81 -4.29
CA ILE A 258 14.86 5.39 -4.03
C ILE A 258 15.78 6.60 -3.87
N SER A 259 15.67 7.58 -4.76
CA SER A 259 16.69 8.62 -4.88
C SER A 259 16.71 9.58 -3.70
N LEU A 260 15.68 9.63 -2.87
CA LEU A 260 15.65 10.62 -1.79
C LEU A 260 16.86 10.49 -0.88
N ARG A 261 17.44 9.29 -0.79
CA ARG A 261 18.61 9.05 0.07
C ARG A 261 19.90 9.63 -0.49
N SER A 262 19.86 10.27 -1.66
CA SER A 262 21.08 10.80 -2.26
C SER A 262 21.64 11.99 -1.49
N ASP A 263 20.85 12.63 -0.64
CA ASP A 263 21.22 13.92 -0.09
C ASP A 263 20.26 14.25 1.04
N TYR A 264 20.71 15.11 1.96
CA TYR A 264 19.86 15.61 3.05
C TYR A 264 18.56 16.20 2.51
N GLY A 265 18.62 16.85 1.34
CA GLY A 265 17.43 17.41 0.73
C GLY A 265 17.00 16.67 -0.53
N GLY A 266 17.43 15.43 -0.68
CA GLY A 266 17.04 14.62 -1.83
C GLY A 266 17.82 14.94 -3.10
N MET A 267 17.60 14.07 -4.10
CA MET A 267 18.25 14.25 -5.39
C MET A 267 17.79 15.54 -6.06
N GLN A 268 16.53 15.94 -5.82
CA GLN A 268 16.09 17.22 -6.35
C GLN A 268 16.95 18.37 -5.82
N SER A 269 17.41 18.26 -4.57
CA SER A 269 18.33 19.28 -4.07
C SER A 269 19.69 19.18 -4.73
N VAL A 270 20.15 17.97 -4.99
CA VAL A 270 21.43 17.79 -5.69
C VAL A 270 21.39 18.44 -7.07
N LEU A 271 20.32 18.18 -7.82
CA LEU A 271 20.21 18.61 -9.20
C LEU A 271 19.65 20.03 -9.34
N GLY A 272 19.19 20.64 -8.25
CA GLY A 272 18.76 22.02 -8.29
C GLY A 272 17.50 22.31 -9.07
N VAL A 273 16.53 21.39 -9.07
CA VAL A 273 15.27 21.58 -9.78
C VAL A 273 14.14 21.23 -8.80
N THR A 274 13.12 22.09 -8.73
CA THR A 274 12.08 21.93 -7.72
C THR A 274 10.81 21.38 -8.35
N PRO A 275 10.46 20.12 -8.12
CA PRO A 275 9.22 19.58 -8.70
C PRO A 275 7.99 20.13 -7.98
N ASP A 276 6.83 19.89 -8.60
CA ASP A 276 5.56 20.25 -7.96
C ASP A 276 5.15 19.19 -6.93
N LEU A 277 5.38 17.92 -7.24
CA LEU A 277 5.14 16.85 -6.29
C LEU A 277 6.34 15.93 -6.24
N THR A 278 6.50 15.24 -5.11
CA THR A 278 7.48 14.21 -4.91
C THR A 278 6.82 13.01 -4.25
N ALA A 279 7.06 11.82 -4.82
CA ALA A 279 6.71 10.54 -4.22
C ALA A 279 7.95 9.95 -3.56
N MET A 280 7.77 9.43 -2.34
CA MET A 280 8.84 8.92 -1.50
C MET A 280 8.37 7.63 -0.85
N GLY A 281 9.32 6.88 -0.29
CA GLY A 281 9.04 5.65 0.41
C GLY A 281 10.33 5.02 0.91
N LYS A 282 10.37 3.69 1.06
CA LYS A 282 11.59 2.99 1.45
C LYS A 282 12.22 3.59 2.72
N ILE A 283 13.28 4.42 2.60
CA ILE A 283 14.01 4.79 3.81
C ILE A 283 13.15 5.55 4.81
N ILE A 284 12.11 6.25 4.34
CA ILE A 284 11.41 7.18 5.23
C ILE A 284 10.55 6.43 6.23
N GLY A 285 10.53 5.10 6.17
CA GLY A 285 9.75 4.32 7.13
C GLY A 285 10.55 3.56 8.16
N GLY A 286 11.86 3.71 8.21
CA GLY A 286 12.69 2.99 9.16
C GLY A 286 12.70 1.48 9.00
N GLY A 287 12.27 0.97 7.84
CA GLY A 287 12.13 -0.45 7.63
C GLY A 287 10.71 -0.98 7.71
N PHE A 288 9.73 -0.12 7.95
CA PHE A 288 8.34 -0.52 8.04
C PHE A 288 7.56 0.01 6.83
N PRO A 289 6.43 -0.61 6.46
CA PRO A 289 5.75 -0.20 5.22
C PRO A 289 5.41 1.28 5.25
N VAL A 290 5.65 1.95 4.13
CA VAL A 290 5.55 3.41 4.08
C VAL A 290 5.56 3.91 2.63
N GLY A 291 4.90 5.05 2.42
CA GLY A 291 5.13 5.90 1.26
C GLY A 291 4.70 7.29 1.66
N ALA A 292 4.96 8.25 0.80
CA ALA A 292 4.54 9.63 1.06
C ALA A 292 4.48 10.36 -0.26
N VAL A 293 3.49 11.25 -0.37
CA VAL A 293 3.36 12.16 -1.50
C VAL A 293 3.34 13.56 -0.92
N GLY A 294 4.18 14.45 -1.45
CA GLY A 294 4.24 15.79 -0.91
C GLY A 294 4.61 16.78 -1.98
N GLY A 295 4.46 18.05 -1.63
CA GLY A 295 4.84 19.10 -2.58
C GLY A 295 4.28 20.44 -2.17
N SER A 296 4.03 21.28 -3.18
CA SER A 296 3.47 22.61 -2.97
C SER A 296 2.12 22.51 -2.25
N ALA A 297 1.87 23.47 -1.35
CA ALA A 297 0.54 23.55 -0.76
C ALA A 297 -0.53 23.74 -1.83
N GLU A 298 -0.16 24.42 -2.92
CA GLU A 298 -1.10 24.68 -4.00
C GLU A 298 -1.62 23.38 -4.62
N VAL A 299 -0.73 22.47 -4.98
CA VAL A 299 -1.19 21.22 -5.62
C VAL A 299 -1.76 20.26 -4.56
N MET A 300 -1.12 20.17 -3.39
CA MET A 300 -1.61 19.30 -2.32
C MET A 300 -2.98 19.72 -1.78
N SER A 301 -3.45 20.93 -2.10
CA SER A 301 -4.76 21.34 -1.62
C SER A 301 -5.87 20.44 -2.13
N VAL A 302 -5.63 19.62 -3.16
CA VAL A 302 -6.67 18.71 -3.63
C VAL A 302 -7.08 17.71 -2.54
N PHE A 303 -6.22 17.46 -1.57
CA PHE A 303 -6.48 16.52 -0.48
C PHE A 303 -7.11 17.15 0.76
N ASP A 304 -7.12 18.47 0.84
CA ASP A 304 -7.53 19.20 2.04
C ASP A 304 -9.03 19.02 2.31
N PRO A 305 -9.41 18.43 3.43
CA PRO A 305 -10.83 18.20 3.72
C PRO A 305 -11.50 19.30 4.55
N THR A 306 -10.80 20.40 4.85
CA THR A 306 -11.36 21.42 5.73
C THR A 306 -12.38 22.34 5.07
N GLY A 307 -12.33 22.50 3.75
CA GLY A 307 -13.30 23.38 3.13
C GLY A 307 -14.44 22.64 2.45
N GLY A 308 -14.85 21.52 3.03
CA GLY A 308 -15.81 20.65 2.38
C GLY A 308 -15.12 19.35 2.03
N PRO A 309 -15.79 18.47 1.30
CA PRO A 309 -15.14 17.23 0.87
C PRO A 309 -13.92 17.56 0.02
N PRO A 310 -12.84 16.80 0.16
CA PRO A 310 -11.64 17.07 -0.63
C PRO A 310 -11.89 16.75 -2.11
N ARG A 311 -11.22 17.50 -2.98
CA ARG A 311 -11.34 17.20 -4.40
C ARG A 311 -10.85 15.79 -4.70
N ALA A 312 -9.83 15.34 -3.98
CA ALA A 312 -9.28 13.99 -4.13
C ALA A 312 -9.31 13.28 -2.78
N PRO A 313 -10.27 12.38 -2.55
CA PRO A 313 -10.35 11.66 -1.29
C PRO A 313 -9.12 10.75 -1.16
N HIS A 314 -8.50 10.73 0.02
CA HIS A 314 -7.33 9.85 0.23
C HIS A 314 -7.43 9.15 1.60
N GLY A 315 -8.10 8.01 1.59
CA GLY A 315 -8.23 7.15 2.79
C GLY A 315 -7.04 6.22 2.89
N GLY A 316 -7.10 5.26 3.81
CA GLY A 316 -6.02 4.28 4.02
C GLY A 316 -5.99 3.88 5.48
N THR A 317 -6.21 2.59 5.75
CA THR A 317 -6.32 2.07 7.13
C THR A 317 -5.01 2.30 7.89
N PHE A 318 -3.86 2.10 7.25
CA PHE A 318 -2.62 2.19 7.99
C PHE A 318 -1.80 3.42 7.59
N ASN A 319 -2.40 4.37 6.86
CA ASN A 319 -1.76 5.67 6.64
C ASN A 319 -1.27 6.25 7.95
N ALA A 320 0.01 6.60 7.99
CA ALA A 320 0.58 7.35 9.11
C ALA A 320 0.42 6.61 10.43
N ASN A 321 0.42 5.28 10.39
CA ASN A 321 0.37 4.53 11.64
C ASN A 321 1.62 4.87 12.48
N PRO A 322 1.49 4.92 13.81
CA PRO A 322 2.59 5.44 14.63
C PRO A 322 3.85 4.60 14.61
N VAL A 323 3.76 3.28 14.36
CA VAL A 323 4.99 2.50 14.26
C VAL A 323 5.83 3.00 13.09
N THR A 324 5.21 3.07 11.91
CA THR A 324 5.92 3.58 10.73
C THR A 324 6.41 5.00 10.97
N MET A 325 5.61 5.83 11.63
CA MET A 325 6.00 7.24 11.85
C MET A 325 7.17 7.34 12.81
N VAL A 326 7.16 6.56 13.88
CA VAL A 326 8.23 6.60 14.87
C VAL A 326 9.53 6.04 14.29
N ALA A 327 9.43 4.91 13.59
CA ALA A 327 10.61 4.32 12.98
C ALA A 327 11.20 5.22 11.89
N GLY A 328 10.36 5.81 11.05
CA GLY A 328 10.86 6.73 10.04
C GLY A 328 11.46 7.99 10.63
N LEU A 329 10.81 8.55 11.65
CA LEU A 329 11.39 9.71 12.33
C LEU A 329 12.78 9.39 12.87
N THR A 330 12.93 8.24 13.53
CA THR A 330 14.22 7.84 14.07
C THR A 330 15.26 7.63 12.96
N ALA A 331 14.87 6.91 11.90
CA ALA A 331 15.77 6.66 10.78
C ALA A 331 16.26 7.95 10.15
N MET A 332 15.35 8.90 9.92
CA MET A 332 15.71 10.15 9.28
C MET A 332 16.54 11.04 10.20
N ARG A 333 16.21 11.08 11.49
CA ARG A 333 17.00 11.87 12.42
C ARG A 333 18.43 11.35 12.53
N LYS A 334 18.63 10.03 12.38
CA LYS A 334 19.99 9.51 12.35
C LYS A 334 20.72 9.90 11.07
N LEU A 335 19.99 10.31 10.02
CA LEU A 335 20.64 10.74 8.78
C LEU A 335 20.93 12.25 8.89
N THR A 336 22.03 12.56 9.58
CA THR A 336 22.51 13.91 9.75
C THR A 336 23.33 14.30 8.51
N PRO A 337 23.62 15.60 8.32
CA PRO A 337 24.52 15.97 7.19
C PRO A 337 25.85 15.26 7.22
N ALA A 338 26.47 15.11 8.39
CA ALA A 338 27.72 14.37 8.50
C ALA A 338 27.53 12.89 8.15
N GLU A 339 26.38 12.30 8.48
CA GLU A 339 26.15 10.91 8.08
C GLU A 339 26.03 10.78 6.56
N PHE A 340 25.39 11.74 5.89
CA PHE A 340 25.36 11.72 4.44
C PHE A 340 26.77 11.83 3.87
N ASP A 341 27.59 12.71 4.45
CA ASP A 341 28.98 12.84 4.01
C ASP A 341 29.74 11.53 4.15
N ARG A 342 29.57 10.84 5.29
CA ARG A 342 30.27 9.57 5.49
C ARG A 342 29.81 8.54 4.46
N LEU A 343 28.50 8.45 4.22
CA LEU A 343 27.99 7.55 3.19
C LEU A 343 28.58 7.86 1.81
N ALA A 344 28.70 9.15 1.48
CA ALA A 344 29.19 9.52 0.15
C ALA A 344 30.68 9.21 0.01
N THR A 345 31.44 9.40 1.11
CA THR A 345 32.86 9.06 1.11
C THR A 345 33.06 7.57 0.88
N LEU A 346 32.34 6.74 1.65
CA LEU A 346 32.46 5.30 1.48
C LEU A 346 31.97 4.86 0.09
N GLY A 347 30.92 5.50 -0.43
CA GLY A 347 30.45 5.12 -1.76
C GLY A 347 31.46 5.45 -2.84
N GLN A 348 32.07 6.64 -2.74
CA GLN A 348 33.15 6.99 -3.66
C GLN A 348 34.30 5.99 -3.57
N GLN A 349 34.69 5.60 -2.35
CA GLN A 349 35.74 4.61 -2.21
C GLN A 349 35.38 3.29 -2.90
N LEU A 350 34.13 2.85 -2.72
CA LEU A 350 33.69 1.60 -3.36
C LEU A 350 33.75 1.71 -4.87
N ARG A 351 33.18 2.79 -5.42
CA ARG A 351 33.10 2.90 -6.87
C ARG A 351 34.49 2.99 -7.48
N ALA A 352 35.39 3.76 -6.87
CA ALA A 352 36.75 3.87 -7.37
C ALA A 352 37.49 2.54 -7.25
N GLY A 353 37.29 1.81 -6.16
CA GLY A 353 37.91 0.50 -6.02
C GLY A 353 37.46 -0.46 -7.09
N VAL A 354 36.16 -0.46 -7.40
CA VAL A 354 35.63 -1.33 -8.45
C VAL A 354 36.18 -0.94 -9.82
N GLU A 355 36.28 0.37 -10.07
CA GLU A 355 36.86 0.82 -11.34
C GLU A 355 38.32 0.38 -11.47
N GLU A 356 39.08 0.47 -10.38
CA GLU A 356 40.47 0.02 -10.40
C GLU A 356 40.54 -1.49 -10.63
N VAL A 357 39.60 -2.24 -10.05
CA VAL A 357 39.57 -3.68 -10.28
C VAL A 357 39.31 -3.99 -11.75
N LEU A 358 38.35 -3.28 -12.35
CA LEU A 358 38.05 -3.47 -13.77
C LEU A 358 39.26 -3.10 -14.62
N ARG A 359 39.94 -2.02 -14.27
CA ARG A 359 41.09 -1.57 -15.05
C ARG A 359 42.25 -2.57 -15.00
N GLU A 360 42.60 -2.99 -13.77
CA GLU A 360 43.73 -3.93 -13.51
C GLU A 360 43.46 -5.24 -14.24
N ALA A 361 42.23 -5.71 -14.18
CA ALA A 361 41.83 -6.86 -15.00
C ALA A 361 41.68 -6.39 -16.46
N GLY A 362 41.34 -7.29 -17.36
CA GLY A 362 41.28 -6.80 -18.72
C GLY A 362 39.88 -6.40 -19.19
N VAL A 363 39.01 -6.01 -18.25
CA VAL A 363 37.58 -5.94 -18.50
C VAL A 363 37.14 -4.50 -18.74
N PRO A 364 36.61 -4.17 -19.92
CA PRO A 364 35.96 -2.87 -20.09
C PRO A 364 34.72 -2.78 -19.21
N GLY A 365 34.53 -1.63 -18.57
CA GLY A 365 33.38 -1.45 -17.71
C GLY A 365 33.39 -0.06 -17.13
N GLN A 366 32.38 0.21 -16.33
CA GLN A 366 32.21 1.51 -15.71
C GLN A 366 31.35 1.34 -14.47
N VAL A 367 31.40 2.32 -13.58
CA VAL A 367 30.58 2.29 -12.36
C VAL A 367 29.86 3.61 -12.28
N THR A 368 28.54 3.56 -12.19
CA THR A 368 27.80 4.78 -11.95
C THR A 368 27.36 4.82 -10.50
N GLY A 369 26.95 5.99 -10.06
CA GLY A 369 26.41 6.07 -8.72
C GLY A 369 26.58 7.45 -8.14
N TYR A 370 25.95 7.63 -6.99
CA TYR A 370 25.96 8.89 -6.29
C TYR A 370 25.69 8.57 -4.83
N GLY A 371 26.31 9.32 -3.93
CA GLY A 371 26.13 9.04 -2.51
C GLY A 371 26.41 7.59 -2.19
N SER A 372 25.43 6.91 -1.60
CA SER A 372 25.61 5.52 -1.20
C SER A 372 25.00 4.52 -2.19
N LEU A 373 24.70 4.95 -3.41
CA LEU A 373 24.15 4.06 -4.44
C LEU A 373 25.18 3.86 -5.54
N PHE A 374 25.27 2.64 -6.07
CA PHE A 374 26.19 2.38 -7.17
C PHE A 374 25.61 1.32 -8.09
N HIS A 375 26.11 1.30 -9.32
CA HIS A 375 25.71 0.32 -10.32
C HIS A 375 26.97 -0.04 -11.10
N ILE A 376 27.36 -1.31 -11.07
CA ILE A 376 28.49 -1.81 -11.86
C ILE A 376 28.00 -2.15 -13.26
N HIS A 377 28.77 -1.77 -14.28
CA HIS A 377 28.46 -2.08 -15.66
C HIS A 377 29.68 -2.73 -16.29
N LEU A 378 29.46 -3.81 -17.03
CA LEU A 378 30.51 -4.55 -17.71
C LEU A 378 30.57 -4.21 -19.19
N HIS A 379 30.33 -2.93 -19.50
CA HIS A 379 30.46 -2.40 -20.84
C HIS A 379 30.82 -0.92 -20.70
N GLN A 380 31.20 -0.29 -21.82
CA GLN A 380 31.56 1.12 -21.80
C GLN A 380 30.71 1.95 -22.75
N ARG A 381 29.45 1.56 -22.95
CA ARG A 381 28.56 2.38 -23.75
C ARG A 381 28.12 3.59 -22.93
N PRO A 382 27.99 4.76 -23.57
CA PRO A 382 27.53 5.96 -22.84
C PRO A 382 26.08 5.82 -22.40
N LEU A 383 25.88 5.80 -21.09
CA LEU A 383 24.53 5.64 -20.55
C LEU A 383 23.68 6.89 -20.69
N ALA A 384 24.27 8.02 -21.12
CA ALA A 384 23.49 9.20 -21.42
C ALA A 384 22.48 8.96 -22.54
N ASP A 385 22.72 7.97 -23.39
CA ASP A 385 21.73 7.44 -24.32
C ASP A 385 21.11 6.20 -23.66
N TYR A 386 19.88 6.34 -23.18
CA TYR A 386 19.32 5.32 -22.30
C TYR A 386 19.21 3.96 -22.99
N ARG A 387 19.10 3.96 -24.31
CA ARG A 387 18.98 2.69 -25.02
C ARG A 387 20.24 1.84 -24.86
N ASN A 388 21.36 2.47 -24.48
CA ASN A 388 22.58 1.72 -24.22
C ASN A 388 22.52 0.91 -22.93
N SER A 389 21.55 1.17 -22.05
CA SER A 389 21.49 0.42 -20.81
C SER A 389 20.98 -1.02 -21.01
N VAL A 390 20.35 -1.31 -22.14
CA VAL A 390 19.85 -2.67 -22.41
C VAL A 390 21.02 -3.59 -22.68
N LEU A 391 21.01 -4.76 -22.05
CA LEU A 391 22.08 -5.75 -22.18
C LEU A 391 21.68 -6.83 -23.17
N SER A 392 22.66 -7.32 -23.92
CA SER A 392 22.47 -8.49 -24.78
C SER A 392 22.43 -9.78 -23.95
N ALA A 393 22.10 -10.89 -24.61
CA ALA A 393 22.08 -12.18 -23.91
C ALA A 393 23.44 -12.54 -23.32
N GLN A 394 24.52 -12.34 -24.09
CA GLN A 394 25.86 -12.63 -23.59
C GLN A 394 26.23 -11.75 -22.40
N GLU A 395 25.86 -10.46 -22.46
CA GLU A 395 26.14 -9.54 -21.35
C GLU A 395 25.37 -9.93 -20.10
N ARG A 396 24.10 -10.34 -20.27
CA ARG A 396 23.32 -10.83 -19.14
C ARG A 396 23.96 -12.06 -18.54
N ALA A 397 24.40 -13.01 -19.39
CA ALA A 397 25.05 -14.22 -18.87
C ALA A 397 26.31 -13.88 -18.08
N PHE A 398 27.11 -12.92 -18.57
CA PHE A 398 28.33 -12.53 -17.88
C PHE A 398 28.02 -11.88 -16.52
N VAL A 399 27.08 -10.93 -16.51
CA VAL A 399 26.66 -10.32 -15.24
C VAL A 399 26.15 -11.37 -14.28
N GLY A 400 25.39 -12.36 -14.79
CA GLY A 400 24.89 -13.42 -13.93
C GLY A 400 26.00 -14.27 -13.32
N ARG A 401 27.03 -14.59 -14.11
CA ARG A 401 28.16 -15.32 -13.55
C ARG A 401 28.84 -14.52 -12.44
N VAL A 402 29.02 -13.21 -12.66
CA VAL A 402 29.63 -12.38 -11.60
C VAL A 402 28.75 -12.35 -10.36
N HIS A 403 27.42 -12.23 -10.54
CA HIS A 403 26.52 -12.13 -9.40
C HIS A 403 26.53 -13.42 -8.58
N GLU A 404 26.47 -14.57 -9.25
CA GLU A 404 26.51 -15.85 -8.55
C GLU A 404 27.83 -16.06 -7.82
N ALA A 405 28.95 -15.67 -8.45
CA ALA A 405 30.24 -15.78 -7.76
C ALA A 405 30.28 -14.89 -6.52
N LEU A 406 29.77 -13.66 -6.63
CA LEU A 406 29.71 -12.79 -5.47
C LEU A 406 28.85 -13.41 -4.36
N MET A 407 27.66 -13.92 -4.72
CA MET A 407 26.79 -14.59 -3.74
C MET A 407 27.53 -15.70 -3.00
N GLY A 408 28.34 -16.47 -3.73
CA GLY A 408 29.16 -17.50 -3.12
C GLY A 408 30.39 -16.99 -2.41
N ARG A 409 30.69 -15.69 -2.52
CA ARG A 409 31.83 -15.12 -1.82
C ARG A 409 31.40 -14.08 -0.77
N GLY A 410 30.26 -14.34 -0.14
CA GLY A 410 29.80 -13.54 1.01
C GLY A 410 29.31 -12.14 0.67
N ILE A 411 28.93 -11.89 -0.58
CA ILE A 411 28.37 -10.56 -0.94
C ILE A 411 26.98 -10.74 -1.54
N PHE A 412 26.00 -10.01 -1.02
CA PHE A 412 24.61 -10.04 -1.49
C PHE A 412 24.33 -8.72 -2.20
N ILE A 413 24.14 -8.79 -3.52
CA ILE A 413 23.87 -7.63 -4.36
C ILE A 413 22.74 -8.03 -5.31
N THR A 414 22.09 -7.03 -5.91
CA THR A 414 21.01 -7.31 -6.84
C THR A 414 21.56 -8.02 -8.08
N PRO A 415 20.72 -8.77 -8.79
CA PRO A 415 21.20 -9.46 -10.01
C PRO A 415 21.81 -8.53 -11.04
N ALA A 416 21.39 -7.26 -11.10
CA ALA A 416 21.94 -6.33 -12.07
C ALA A 416 23.26 -5.72 -11.63
N LEU A 417 23.73 -6.03 -10.41
CA LEU A 417 24.88 -5.39 -9.76
C LEU A 417 24.63 -3.92 -9.42
N PHE A 418 23.37 -3.60 -9.14
CA PHE A 418 23.00 -2.36 -8.46
C PHE A 418 23.06 -2.62 -6.96
N GLY A 419 23.69 -1.71 -6.22
CA GLY A 419 23.81 -1.91 -4.79
C GLY A 419 23.81 -0.60 -4.03
N CYS A 420 23.69 -0.73 -2.72
CA CYS A 420 23.66 0.41 -1.81
C CYS A 420 24.47 0.08 -0.56
N LEU A 421 25.06 1.11 0.03
CA LEU A 421 25.70 0.98 1.34
C LEU A 421 24.66 1.14 2.44
N SER A 422 24.99 0.63 3.63
CA SER A 422 24.21 0.85 4.84
C SER A 422 25.10 1.52 5.88
N THR A 423 24.48 2.26 6.78
CA THR A 423 25.29 3.03 7.72
C THR A 423 26.16 2.18 8.64
N PRO A 424 25.83 0.90 8.92
CA PRO A 424 26.79 0.07 9.66
C PRO A 424 28.09 -0.23 8.92
N MET A 425 28.16 0.05 7.62
CA MET A 425 29.35 -0.26 6.85
C MET A 425 30.44 0.79 7.05
N GLY A 426 31.69 0.33 6.97
CA GLY A 426 32.82 1.23 6.98
C GLY A 426 33.83 0.79 5.94
N VAL A 427 35.05 1.30 6.03
CA VAL A 427 36.10 0.92 5.10
C VAL A 427 36.31 -0.59 5.03
N PRO A 428 36.29 -1.35 6.13
CA PRO A 428 36.45 -2.81 5.99
C PRO A 428 35.41 -3.46 5.10
N GLU A 429 34.14 -3.06 5.24
CA GLU A 429 33.09 -3.64 4.42
C GLU A 429 33.26 -3.27 2.94
N VAL A 430 33.68 -2.03 2.67
CA VAL A 430 33.93 -1.61 1.28
C VAL A 430 35.08 -2.41 0.67
N GLU A 431 36.18 -2.55 1.43
CA GLU A 431 37.30 -3.34 0.95
C GLU A 431 36.88 -4.79 0.72
N ALA A 432 36.04 -5.32 1.60
CA ALA A 432 35.55 -6.69 1.43
C ALA A 432 34.78 -6.81 0.12
N PHE A 433 33.91 -5.84 -0.17
CA PHE A 433 33.20 -5.86 -1.45
C PHE A 433 34.16 -5.81 -2.63
N VAL A 434 35.14 -4.91 -2.59
CA VAL A 434 36.00 -4.74 -3.76
C VAL A 434 36.85 -6.00 -4.00
N ASP A 435 37.39 -6.57 -2.92
CA ASP A 435 38.15 -7.82 -3.03
C ASP A 435 37.27 -8.95 -3.55
N ALA A 436 36.05 -9.08 -3.02
CA ALA A 436 35.16 -10.13 -3.47
C ALA A 436 34.81 -9.93 -4.94
N PHE A 437 34.65 -8.67 -5.36
CA PHE A 437 34.33 -8.41 -6.75
C PHE A 437 35.50 -8.80 -7.65
N ALA A 438 36.74 -8.52 -7.22
CA ALA A 438 37.89 -8.95 -8.01
C ALA A 438 37.89 -10.47 -8.19
N ALA A 439 37.65 -11.20 -7.09
CA ALA A 439 37.63 -12.67 -7.17
C ALA A 439 36.47 -13.17 -8.02
N ALA A 440 35.30 -12.53 -7.91
CA ALA A 440 34.12 -12.94 -8.67
C ALA A 440 34.29 -12.66 -10.15
N LEU A 441 34.92 -11.54 -10.48
CA LEU A 441 35.22 -11.22 -11.87
C LEU A 441 36.09 -12.30 -12.47
N GLN A 442 37.10 -12.73 -11.70
CA GLN A 442 38.03 -13.79 -12.17
C GLN A 442 37.25 -15.09 -12.36
N ASP A 443 36.40 -15.45 -11.40
CA ASP A 443 35.55 -16.64 -11.53
C ASP A 443 34.72 -16.59 -12.81
N ALA A 444 34.04 -15.47 -13.05
CA ALA A 444 33.11 -15.36 -14.17
C ALA A 444 33.79 -15.45 -15.53
N ARG A 445 35.08 -15.12 -15.61
CA ARG A 445 35.83 -15.21 -16.85
C ARG A 445 36.54 -16.55 -17.02
N GLY A 446 36.51 -17.42 -16.02
CA GLY A 446 37.13 -18.73 -16.11
C GLY A 446 38.65 -18.71 -16.02
N GLY B 8 -15.35 12.96 29.64
CA GLY B 8 -15.56 14.26 30.24
C GLY B 8 -16.23 15.26 29.31
N GLY B 9 -17.01 14.75 28.35
CA GLY B 9 -17.76 15.59 27.45
C GLY B 9 -16.96 16.27 26.36
N ASN B 10 -16.14 15.52 25.61
CA ASN B 10 -15.45 16.02 24.41
C ASN B 10 -14.61 17.27 24.69
N VAL B 11 -13.71 17.19 25.68
CA VAL B 11 -12.97 18.39 26.03
C VAL B 11 -12.01 18.81 24.91
N TYR B 12 -11.68 17.91 23.98
CA TYR B 12 -10.75 18.27 22.90
C TYR B 12 -11.27 19.39 22.03
N ARG B 13 -12.59 19.61 22.02
CA ARG B 13 -13.17 20.69 21.23
C ARG B 13 -12.96 22.08 21.84
N GLU B 14 -12.49 22.17 23.08
CA GLU B 14 -12.30 23.47 23.70
C GLU B 14 -11.07 24.18 23.12
N PRO B 15 -11.11 25.51 23.04
CA PRO B 15 -9.91 26.24 22.62
C PRO B 15 -8.73 25.95 23.53
N GLY B 16 -7.54 25.86 22.93
CA GLY B 16 -6.35 25.55 23.69
C GLY B 16 -6.26 24.12 24.16
N SER B 17 -7.12 23.24 23.68
CA SER B 17 -6.95 21.82 23.95
C SER B 17 -5.66 21.30 23.31
N ALA B 18 -5.23 20.11 23.72
CA ALA B 18 -4.10 19.47 23.07
C ALA B 18 -4.39 19.23 21.59
N ALA B 19 -5.60 18.77 21.27
CA ALA B 19 -5.98 18.53 19.88
C ALA B 19 -5.94 19.82 19.06
N ALA B 20 -6.36 20.94 19.64
CA ALA B 20 -6.34 22.19 18.89
C ALA B 20 -4.90 22.61 18.56
N ASP B 21 -3.98 22.49 19.53
CA ASP B 21 -2.58 22.82 19.29
C ASP B 21 -1.98 21.90 18.23
N LEU B 22 -2.26 20.60 18.35
CA LEU B 22 -1.77 19.64 17.37
C LEU B 22 -2.30 19.97 15.99
N PHE B 23 -3.60 20.32 15.88
CA PHE B 23 -4.15 20.66 14.57
C PHE B 23 -3.48 21.88 13.99
N GLU B 24 -3.19 22.88 14.83
CA GLU B 24 -2.49 24.07 14.34
C GLU B 24 -1.13 23.73 13.78
N ARG B 25 -0.39 22.84 14.45
CA ARG B 25 0.87 22.35 13.91
C ARG B 25 0.64 21.57 12.61
N ALA B 26 -0.35 20.67 12.63
CA ALA B 26 -0.56 19.76 11.51
C ALA B 26 -0.86 20.51 10.22
N ARG B 27 -1.69 21.55 10.30
CA ARG B 27 -2.11 22.20 9.08
C ARG B 27 -0.98 22.95 8.38
N ARG B 28 0.18 23.11 9.02
CA ARG B 28 1.32 23.71 8.34
C ARG B 28 2.04 22.72 7.43
N VAL B 29 1.98 21.42 7.74
CA VAL B 29 2.79 20.43 7.04
C VAL B 29 1.96 19.31 6.42
N LEU B 30 0.66 19.30 6.67
CA LEU B 30 -0.27 18.31 6.07
C LEU B 30 -1.45 19.09 5.48
N PRO B 31 -2.06 18.67 4.34
CA PRO B 31 -3.21 19.43 3.79
C PRO B 31 -4.40 19.40 4.74
N GLY B 32 -4.79 20.58 5.22
CA GLY B 32 -5.80 20.63 6.26
C GLY B 32 -5.44 19.86 7.51
N GLY B 33 -4.15 19.65 7.75
CA GLY B 33 -3.71 18.87 8.88
C GLY B 33 -4.08 17.41 8.77
N ASN B 34 -4.28 16.91 7.55
CA ASN B 34 -4.89 15.61 7.35
C ASN B 34 -4.01 14.75 6.47
N THR B 35 -3.92 13.47 6.83
CA THR B 35 -3.19 12.46 6.03
C THR B 35 -4.07 11.23 5.79
N ARG B 36 -5.30 11.24 6.31
CA ARG B 36 -6.26 10.12 6.13
C ARG B 36 -7.65 10.75 6.09
N THR B 37 -8.33 10.75 4.95
CA THR B 37 -9.58 11.49 4.89
C THR B 37 -10.60 10.97 5.91
N THR B 38 -10.59 9.66 6.14
CA THR B 38 -11.59 9.03 7.02
C THR B 38 -11.59 9.60 8.43
N VAL B 39 -10.43 10.01 8.95
CA VAL B 39 -10.32 10.38 10.35
C VAL B 39 -10.44 11.88 10.56
N TYR B 40 -10.67 12.66 9.51
CA TYR B 40 -10.97 14.07 9.70
C TYR B 40 -12.42 14.27 10.15
N SER B 41 -12.59 15.17 11.11
CA SER B 41 -13.90 15.70 11.48
C SER B 41 -13.72 17.17 11.86
N ALA B 42 -14.78 17.98 11.62
CA ALA B 42 -14.71 19.43 11.71
C ALA B 42 -15.09 19.92 13.12
N PRO B 43 -14.50 21.03 13.58
CA PRO B 43 -13.45 21.83 12.94
C PRO B 43 -12.08 21.13 12.88
N TYR B 44 -11.82 20.25 13.84
CA TYR B 44 -10.60 19.46 13.87
C TYR B 44 -10.88 18.19 14.64
N PRO B 45 -10.18 17.10 14.34
CA PRO B 45 -10.46 15.84 15.01
C PRO B 45 -9.77 15.75 16.35
N PRO B 46 -10.18 14.83 17.21
CA PRO B 46 -9.37 14.55 18.41
C PRO B 46 -8.13 13.77 17.99
N TYR B 47 -7.09 13.83 18.82
CA TYR B 47 -5.83 13.13 18.55
C TYR B 47 -5.65 11.99 19.55
N ALA B 48 -5.31 10.81 19.03
CA ALA B 48 -5.09 9.65 19.87
C ALA B 48 -3.72 9.76 20.53
N ALA B 49 -3.66 9.49 21.82
CA ALA B 49 -2.40 9.45 22.54
C ALA B 49 -1.90 8.03 22.74
N ARG B 50 -2.79 7.16 23.19
CA ARG B 50 -2.41 5.75 23.41
C ARG B 50 -3.67 4.92 23.59
N GLY B 51 -3.49 3.61 23.69
CA GLY B 51 -4.61 2.73 23.94
C GLY B 51 -4.18 1.54 24.78
N ARG B 52 -5.16 0.93 25.43
CA ARG B 52 -4.93 -0.30 26.17
C ARG B 52 -6.19 -1.14 26.16
N GLY B 53 -6.08 -2.37 25.69
CA GLY B 53 -7.24 -3.24 25.61
C GLY B 53 -8.31 -2.57 24.77
N ALA B 54 -9.50 -2.42 25.32
CA ALA B 54 -10.60 -1.84 24.57
C ALA B 54 -10.73 -0.33 24.75
N VAL B 55 -9.74 0.33 25.33
CA VAL B 55 -9.83 1.75 25.67
C VAL B 55 -8.84 2.54 24.82
N ILE B 56 -9.33 3.61 24.18
CA ILE B 56 -8.50 4.57 23.48
C ILE B 56 -8.46 5.88 24.28
N VAL B 57 -7.26 6.46 24.41
CA VAL B 57 -7.01 7.65 25.22
C VAL B 57 -6.50 8.75 24.29
N ASP B 58 -7.19 9.90 24.31
CA ASP B 58 -6.83 10.96 23.39
C ASP B 58 -5.83 11.92 24.05
N ALA B 59 -5.30 12.84 23.23
CA ALA B 59 -4.21 13.70 23.65
C ALA B 59 -4.61 14.64 24.77
N ASP B 60 -5.91 14.78 25.02
CA ASP B 60 -6.44 15.55 26.13
C ASP B 60 -6.80 14.69 27.34
N GLY B 61 -6.41 13.42 27.34
CA GLY B 61 -6.64 12.56 28.48
C GLY B 61 -8.01 11.93 28.57
N GLU B 62 -8.90 12.19 27.62
CA GLU B 62 -10.26 11.65 27.66
C GLU B 62 -10.24 10.20 27.17
N GLU B 63 -10.79 9.29 27.96
CA GLU B 63 -10.79 7.88 27.62
C GLU B 63 -12.15 7.45 27.09
N ARG B 64 -12.14 6.62 26.04
CA ARG B 64 -13.38 6.11 25.49
C ARG B 64 -13.22 4.62 25.19
N LEU B 65 -14.30 3.88 25.28
CA LEU B 65 -14.30 2.51 24.78
C LEU B 65 -14.27 2.53 23.25
N ASP B 66 -13.32 1.81 22.66
CA ASP B 66 -13.04 1.90 21.23
C ASP B 66 -13.87 0.85 20.49
N PHE B 67 -14.92 1.30 19.81
CA PHE B 67 -15.71 0.45 18.91
C PHE B 67 -15.42 0.72 17.44
N VAL B 68 -14.30 1.36 17.13
CA VAL B 68 -13.85 1.56 15.76
C VAL B 68 -12.66 0.68 15.44
N ASN B 69 -11.64 0.67 16.32
CA ASN B 69 -10.50 -0.22 16.21
C ASN B 69 -9.84 -0.12 14.84
N ASN B 70 -9.51 1.10 14.46
CA ASN B 70 -8.92 1.42 13.16
C ASN B 70 -9.74 0.78 12.03
N TYR B 71 -11.04 1.02 12.08
CA TYR B 71 -12.00 0.54 11.10
C TYR B 71 -11.92 -0.99 10.94
N THR B 72 -11.98 -1.68 12.09
CA THR B 72 -12.09 -3.13 12.30
C THR B 72 -10.75 -3.85 12.16
N ALA B 73 -9.63 -3.15 11.94
CA ALA B 73 -8.35 -3.83 11.75
C ALA B 73 -7.83 -4.47 13.03
N LEU B 74 -8.01 -3.82 14.17
CA LEU B 74 -7.41 -4.28 15.43
C LEU B 74 -8.46 -5.06 16.21
N ILE B 75 -8.68 -6.29 15.77
CA ILE B 75 -9.70 -7.13 16.41
C ILE B 75 -9.31 -7.47 17.84
N HIS B 76 -8.02 -7.40 18.19
CA HIS B 76 -7.61 -7.65 19.58
C HIS B 76 -7.42 -6.37 20.38
N GLY B 77 -7.86 -5.23 19.87
CA GLY B 77 -7.78 -3.99 20.61
C GLY B 77 -6.36 -3.43 20.64
N HIS B 78 -6.11 -2.55 21.61
CA HIS B 78 -4.87 -1.77 21.63
C HIS B 78 -3.79 -2.46 22.43
N ALA B 79 -2.57 -2.42 21.90
CA ALA B 79 -1.37 -2.92 22.59
C ALA B 79 -1.58 -4.33 23.14
N ASP B 80 -2.05 -5.21 22.27
CA ASP B 80 -2.21 -6.60 22.67
C ASP B 80 -0.86 -7.17 23.05
N PRO B 81 -0.73 -7.79 24.22
CA PRO B 81 0.61 -8.24 24.67
C PRO B 81 1.20 -9.36 23.85
N ASP B 82 0.38 -10.33 23.41
CA ASP B 82 0.93 -11.46 22.64
C ASP B 82 1.50 -10.99 21.32
N ILE B 83 0.75 -10.13 20.61
CA ILE B 83 1.25 -9.57 19.35
C ILE B 83 2.53 -8.77 19.60
N ASN B 84 2.53 -7.93 20.65
CA ASN B 84 3.72 -7.13 20.95
C ASN B 84 4.93 -8.01 21.25
N GLU B 85 4.73 -9.07 22.02
CA GLU B 85 5.83 -10.01 22.35
C GLU B 85 6.39 -10.66 21.07
N ALA B 86 5.51 -11.10 20.17
CA ALA B 86 5.99 -11.70 18.92
C ALA B 86 6.77 -10.70 18.08
N VAL B 87 6.26 -9.48 17.97
CA VAL B 87 6.94 -8.44 17.20
C VAL B 87 8.31 -8.13 17.79
N ILE B 88 8.35 -8.01 19.12
CA ILE B 88 9.65 -7.69 19.79
C ILE B 88 10.63 -8.83 19.51
N ARG B 89 10.18 -10.08 19.55
CA ARG B 89 11.05 -11.20 19.18
C ARG B 89 11.60 -11.01 17.76
N GLN B 90 10.73 -10.59 16.83
CA GLN B 90 11.17 -10.46 15.43
C GLN B 90 12.15 -9.31 15.25
N LEU B 91 11.95 -8.22 16.01
CA LEU B 91 12.78 -7.02 15.84
C LEU B 91 14.26 -7.35 16.02
N ALA B 92 14.56 -8.27 16.92
CA ALA B 92 15.94 -8.71 17.12
C ALA B 92 16.52 -9.37 15.87
N ASP B 93 15.68 -9.89 14.98
CA ASP B 93 16.13 -10.57 13.77
C ASP B 93 16.19 -9.66 12.55
N GLY B 94 15.53 -8.51 12.58
CA GLY B 94 15.39 -7.62 11.44
C GLY B 94 13.95 -7.58 10.97
N VAL B 95 13.58 -6.46 10.36
CA VAL B 95 12.17 -6.19 10.06
C VAL B 95 11.81 -6.33 8.59
N ALA B 96 12.80 -6.40 7.69
CA ALA B 96 12.53 -6.53 6.26
C ALA B 96 13.79 -7.03 5.55
N PHE B 97 13.60 -7.85 4.51
CA PHE B 97 14.70 -8.50 3.81
C PHE B 97 14.38 -8.55 2.32
N ALA B 98 15.43 -8.48 1.50
CA ALA B 98 15.29 -8.71 0.06
C ALA B 98 15.41 -10.19 -0.32
N MET B 99 15.05 -11.08 0.60
CA MET B 99 14.83 -12.50 0.37
C MET B 99 13.50 -12.86 1.00
N PRO B 100 12.83 -13.90 0.51
CA PRO B 100 11.64 -14.41 1.22
C PRO B 100 12.04 -14.96 2.58
N THR B 101 11.03 -15.11 3.45
CA THR B 101 11.28 -15.67 4.80
C THR B 101 10.20 -16.71 5.11
N GLU B 102 10.51 -17.62 6.01
CA GLU B 102 9.55 -18.63 6.44
C GLU B 102 8.27 -18.02 7.00
N HIS B 103 8.32 -16.77 7.49
CA HIS B 103 7.15 -16.16 8.11
C HIS B 103 5.99 -16.00 7.12
N GLU B 104 6.33 -15.66 5.88
CA GLU B 104 5.30 -15.51 4.82
C GLU B 104 4.64 -16.87 4.60
N ILE B 105 5.44 -17.94 4.62
CA ILE B 105 4.89 -19.29 4.46
C ILE B 105 3.94 -19.61 5.60
N ALA B 106 4.33 -19.27 6.82
CA ALA B 106 3.50 -19.62 7.99
C ALA B 106 2.13 -18.94 7.90
N LEU B 107 2.11 -17.64 7.58
CA LEU B 107 0.81 -16.95 7.48
C LEU B 107 -0.01 -17.46 6.30
N ALA B 108 0.64 -17.71 5.15
CA ALA B 108 -0.09 -18.28 4.02
C ALA B 108 -0.68 -19.65 4.36
N GLU B 109 0.07 -20.49 5.09
CA GLU B 109 -0.45 -21.78 5.51
C GLU B 109 -1.69 -21.61 6.38
N LEU B 110 -1.67 -20.67 7.32
CA LEU B 110 -2.87 -20.46 8.16
C LEU B 110 -4.07 -20.00 7.31
N LEU B 111 -3.87 -18.98 6.47
CA LEU B 111 -4.99 -18.45 5.68
C LEU B 111 -5.56 -19.51 4.74
N THR B 112 -4.70 -20.27 4.06
CA THR B 112 -5.24 -21.28 3.14
C THR B 112 -5.88 -22.43 3.90
N GLU B 113 -5.42 -22.73 5.13
CA GLU B 113 -6.07 -23.78 5.90
C GLU B 113 -7.48 -23.37 6.33
N ARG B 114 -7.66 -22.08 6.63
CA ARG B 114 -8.93 -21.65 7.21
C ARG B 114 -10.01 -21.36 6.16
N VAL B 115 -9.65 -20.76 5.03
CA VAL B 115 -10.63 -20.32 4.02
C VAL B 115 -10.62 -21.28 2.87
N PRO B 116 -11.75 -21.94 2.56
CA PRO B 116 -11.74 -22.99 1.53
C PRO B 116 -11.30 -22.53 0.15
N SER B 117 -11.81 -21.37 -0.33
CA SER B 117 -11.44 -20.86 -1.65
C SER B 117 -9.96 -20.52 -1.76
N LEU B 118 -9.27 -20.30 -0.65
CA LEU B 118 -7.87 -19.89 -0.71
C LEU B 118 -6.99 -21.13 -0.88
N GLN B 119 -6.52 -21.34 -2.10
CA GLN B 119 -5.50 -22.35 -2.39
C GLN B 119 -4.10 -21.75 -2.34
N GLN B 120 -3.94 -20.52 -2.87
CA GLN B 120 -2.69 -19.80 -2.78
C GLN B 120 -2.97 -18.32 -2.49
N VAL B 121 -2.00 -17.66 -1.85
CA VAL B 121 -2.12 -16.24 -1.54
C VAL B 121 -0.82 -15.52 -1.89
N ARG B 122 -0.93 -14.19 -2.00
CA ARG B 122 0.18 -13.25 -2.05
C ARG B 122 -0.15 -12.07 -1.13
N PHE B 123 0.86 -11.54 -0.46
CA PHE B 123 0.67 -10.43 0.47
C PHE B 123 1.04 -9.10 -0.20
N THR B 124 0.29 -8.06 0.18
CA THR B 124 0.51 -6.69 -0.28
C THR B 124 0.64 -5.80 0.96
N ASN B 125 0.69 -4.49 0.77
CA ASN B 125 0.88 -3.58 1.90
C ASN B 125 -0.39 -2.82 2.28
N SER B 126 -1.53 -3.12 1.65
CA SER B 126 -2.78 -2.46 1.97
C SER B 126 -3.91 -3.26 1.35
N GLY B 127 -5.12 -3.07 1.88
CA GLY B 127 -6.30 -3.61 1.24
C GLY B 127 -6.52 -3.00 -0.14
N THR B 128 -6.21 -1.71 -0.28
CA THR B 128 -6.22 -1.07 -1.59
C THR B 128 -5.34 -1.82 -2.58
N GLU B 129 -4.12 -2.15 -2.16
CA GLU B 129 -3.21 -2.89 -3.05
C GLU B 129 -3.76 -4.29 -3.32
N ALA B 130 -4.35 -4.94 -2.32
CA ALA B 130 -4.91 -6.26 -2.54
C ALA B 130 -6.01 -6.22 -3.60
N VAL B 131 -6.92 -5.25 -3.49
CA VAL B 131 -8.00 -5.11 -4.47
C VAL B 131 -7.42 -4.82 -5.85
N MET B 132 -6.44 -3.92 -5.92
CA MET B 132 -5.81 -3.61 -7.20
C MET B 132 -5.21 -4.86 -7.82
N MET B 133 -4.46 -5.65 -7.04
CA MET B 133 -3.78 -6.79 -7.61
C MET B 133 -4.75 -7.90 -7.96
N ALA B 134 -5.89 -7.98 -7.27
CA ALA B 134 -6.93 -8.93 -7.68
C ALA B 134 -7.50 -8.54 -9.04
N ILE B 135 -7.78 -7.25 -9.23
CA ILE B 135 -8.27 -6.77 -10.51
C ILE B 135 -7.25 -7.06 -11.62
N LYS B 136 -5.99 -6.79 -11.33
CA LYS B 136 -4.89 -7.02 -12.30
C LYS B 136 -4.76 -8.51 -12.62
N ALA B 137 -4.89 -9.36 -11.60
CA ALA B 137 -4.80 -10.80 -11.85
C ALA B 137 -5.93 -11.24 -12.77
N ALA B 138 -7.14 -10.72 -12.54
CA ALA B 138 -8.27 -11.09 -13.37
C ALA B 138 -8.09 -10.64 -14.82
N ARG B 139 -7.57 -9.43 -15.00
CA ARG B 139 -7.26 -8.98 -16.36
C ARG B 139 -6.23 -9.91 -17.02
N ALA B 140 -5.18 -10.29 -16.30
CA ALA B 140 -4.15 -11.15 -16.89
C ALA B 140 -4.67 -12.54 -17.17
N TYR B 141 -5.58 -13.03 -16.32
CA TYR B 141 -6.08 -14.38 -16.47
C TYR B 141 -7.07 -14.46 -17.64
N THR B 142 -8.00 -13.51 -17.70
CA THR B 142 -9.03 -13.53 -18.73
C THR B 142 -8.63 -12.78 -19.98
N GLY B 143 -7.69 -11.84 -19.89
CA GLY B 143 -7.31 -10.99 -21.01
C GLY B 143 -8.22 -9.82 -21.27
N ARG B 144 -9.36 -9.66 -20.44
CA ARG B 144 -10.40 -8.68 -20.71
C ARG B 144 -10.13 -7.39 -19.93
N PRO B 145 -10.57 -6.25 -20.44
CA PRO B 145 -10.15 -4.98 -19.84
C PRO B 145 -11.06 -4.44 -18.72
N ARG B 146 -12.36 -4.70 -18.77
CA ARG B 146 -13.29 -4.04 -17.87
C ARG B 146 -13.54 -4.85 -16.60
N ILE B 147 -14.04 -4.16 -15.58
CA ILE B 147 -14.49 -4.81 -14.35
C ILE B 147 -15.86 -4.27 -13.99
N ALA B 148 -16.56 -5.04 -13.17
CA ALA B 148 -17.85 -4.63 -12.62
C ALA B 148 -17.72 -4.55 -11.11
N LYS B 149 -18.35 -3.54 -10.54
CA LYS B 149 -18.48 -3.41 -9.08
C LYS B 149 -19.87 -2.88 -8.77
N PHE B 150 -20.20 -2.75 -7.49
CA PHE B 150 -21.55 -2.41 -7.07
C PHE B 150 -21.63 -0.96 -6.59
N ASP B 151 -22.70 -0.29 -7.01
CA ASP B 151 -22.95 1.12 -6.70
C ASP B 151 -22.88 1.40 -5.20
N GLY B 152 -22.18 2.47 -4.84
CA GLY B 152 -22.13 2.91 -3.45
C GLY B 152 -21.20 2.13 -2.56
N CYS B 153 -20.32 1.29 -3.11
CA CYS B 153 -19.47 0.44 -2.30
C CYS B 153 -18.01 0.87 -2.37
N TYR B 154 -17.34 0.76 -1.24
CA TYR B 154 -15.98 1.24 -1.07
C TYR B 154 -14.98 0.08 -1.15
N HIS B 155 -13.90 0.29 -1.91
CA HIS B 155 -12.87 -0.75 -2.03
C HIS B 155 -11.46 -0.16 -1.95
N GLY B 156 -11.30 1.06 -1.46
CA GLY B 156 -9.99 1.68 -1.39
C GLY B 156 -9.82 2.75 -2.45
N SER B 157 -8.57 3.15 -2.69
CA SER B 157 -8.25 4.31 -3.50
C SER B 157 -7.78 3.98 -4.93
N TYR B 158 -7.77 2.71 -5.32
CA TYR B 158 -7.42 2.35 -6.69
C TYR B 158 -8.46 2.86 -7.68
N ASP B 159 -8.00 3.57 -8.73
CA ASP B 159 -8.89 4.28 -9.66
C ASP B 159 -10.13 3.47 -10.06
N PHE B 160 -9.92 2.26 -10.58
CA PHE B 160 -11.01 1.47 -11.11
C PHE B 160 -11.93 0.96 -10.01
N ALA B 161 -11.39 0.64 -8.84
CA ALA B 161 -12.18 0.10 -7.74
C ALA B 161 -13.03 1.15 -7.04
N GLU B 162 -12.69 2.44 -7.17
CA GLU B 162 -13.39 3.47 -6.44
C GLU B 162 -14.50 4.15 -7.24
N VAL B 163 -14.68 3.81 -8.52
CA VAL B 163 -15.75 4.42 -9.31
C VAL B 163 -17.09 4.15 -8.62
N SER B 164 -17.90 5.21 -8.48
CA SER B 164 -19.23 5.12 -7.85
C SER B 164 -19.15 4.69 -6.37
N THR B 165 -18.05 5.00 -5.67
CA THR B 165 -18.02 4.73 -4.24
C THR B 165 -19.16 5.48 -3.54
N GLN B 166 -19.44 6.70 -3.98
CA GLN B 166 -20.65 7.42 -3.63
C GLN B 166 -21.57 7.38 -4.83
N SER B 167 -22.73 6.74 -4.67
CA SER B 167 -23.71 6.67 -5.75
C SER B 167 -24.14 8.08 -6.17
N SER B 168 -24.39 8.25 -7.47
CA SER B 168 -25.09 9.44 -7.93
C SER B 168 -26.43 9.66 -7.24
N GLY B 169 -27.06 8.59 -6.77
CA GLY B 169 -28.38 8.68 -6.15
C GLY B 169 -29.53 8.22 -7.02
N LYS B 170 -29.44 8.45 -8.33
CA LYS B 170 -30.51 8.14 -9.27
C LYS B 170 -29.93 7.35 -10.44
N PRO B 171 -30.68 6.43 -11.02
CA PRO B 171 -30.17 5.68 -12.17
C PRO B 171 -30.10 6.54 -13.42
N GLY B 172 -29.40 6.01 -14.42
CA GLY B 172 -29.42 6.61 -15.74
C GLY B 172 -30.71 6.31 -16.47
N GLU B 173 -30.79 6.76 -17.72
CA GLU B 173 -32.01 6.58 -18.48
C GLU B 173 -32.33 5.12 -18.71
N ASP B 174 -31.30 4.27 -18.79
CA ASP B 174 -31.54 2.83 -18.93
C ASP B 174 -32.02 2.19 -17.65
N GLY B 175 -32.12 2.93 -16.55
CA GLY B 175 -32.55 2.37 -15.28
C GLY B 175 -31.46 1.71 -14.46
N PHE B 176 -30.21 1.74 -14.91
CA PHE B 176 -29.09 1.13 -14.21
C PHE B 176 -28.30 2.19 -13.46
N PRO B 177 -27.47 1.79 -12.49
CA PRO B 177 -26.65 2.78 -11.78
C PRO B 177 -25.70 3.51 -12.72
N VAL B 178 -25.27 4.70 -12.29
CA VAL B 178 -24.38 5.58 -13.06
C VAL B 178 -22.94 5.40 -12.58
N ALA B 179 -22.02 5.39 -13.53
CA ALA B 179 -20.58 5.33 -13.19
C ALA B 179 -20.21 6.77 -12.85
N THR B 180 -19.98 7.04 -11.57
CA THR B 180 -19.76 8.43 -11.13
C THR B 180 -18.36 8.58 -10.55
N PRO B 181 -17.70 9.74 -10.76
CA PRO B 181 -16.34 9.92 -10.23
C PRO B 181 -16.35 10.06 -8.72
N TYR B 182 -15.36 9.43 -8.10
CA TYR B 182 -15.12 9.60 -6.67
C TYR B 182 -13.97 10.56 -6.39
N THR B 183 -13.06 10.73 -7.35
CA THR B 183 -11.93 11.65 -7.20
C THR B 183 -11.98 12.66 -8.34
N GLY B 184 -11.41 13.84 -8.10
CA GLY B 184 -11.46 14.88 -9.11
C GLY B 184 -10.60 14.54 -10.33
N GLY B 185 -11.08 14.95 -11.50
CA GLY B 185 -10.34 14.71 -12.73
C GLY B 185 -10.33 13.28 -13.21
N THR B 186 -11.28 12.45 -12.78
CA THR B 186 -11.30 11.06 -13.23
C THR B 186 -11.41 10.99 -14.75
N PRO B 187 -10.50 10.28 -15.43
CA PRO B 187 -10.59 10.18 -16.88
C PRO B 187 -11.89 9.50 -17.31
N GLN B 188 -12.46 9.99 -18.40
CA GLN B 188 -13.64 9.34 -18.96
C GLN B 188 -13.37 7.87 -19.24
N ALA B 189 -12.16 7.51 -19.66
CA ALA B 189 -11.84 6.12 -20.00
C ALA B 189 -11.86 5.22 -18.77
N VAL B 190 -11.53 5.76 -17.59
CA VAL B 190 -11.69 5.00 -16.36
C VAL B 190 -13.16 4.76 -16.04
N LEU B 191 -13.98 5.82 -16.11
CA LEU B 191 -15.42 5.67 -15.89
C LEU B 191 -16.03 4.66 -16.87
N ASP B 192 -15.67 4.77 -18.15
CA ASP B 192 -16.18 3.88 -19.19
C ASP B 192 -15.73 2.44 -18.99
N SER B 193 -14.61 2.20 -18.31
CA SER B 193 -14.17 0.83 -18.11
C SER B 193 -14.83 0.11 -16.93
N VAL B 194 -15.70 0.76 -16.15
CA VAL B 194 -16.27 0.15 -14.94
C VAL B 194 -17.78 0.02 -15.14
N VAL B 195 -18.28 -1.21 -15.02
CA VAL B 195 -19.72 -1.51 -15.09
C VAL B 195 -20.25 -1.50 -13.66
N VAL B 196 -21.19 -0.60 -13.37
CA VAL B 196 -21.71 -0.42 -12.01
C VAL B 196 -23.05 -1.14 -11.88
N LEU B 197 -23.11 -2.12 -10.98
CA LEU B 197 -24.20 -3.05 -10.75
C LEU B 197 -25.00 -2.65 -9.51
N PRO B 198 -26.26 -3.06 -9.43
CA PRO B 198 -27.06 -2.78 -8.21
C PRO B 198 -26.97 -3.88 -7.16
N PHE B 199 -26.45 -3.55 -5.96
CA PHE B 199 -26.27 -4.57 -4.92
C PHE B 199 -27.63 -5.15 -4.51
N ASN B 200 -27.70 -6.47 -4.38
CA ASN B 200 -28.91 -7.18 -3.93
C ASN B 200 -30.09 -7.00 -4.89
N ASP B 201 -29.81 -6.73 -6.16
CA ASP B 201 -30.84 -6.65 -7.20
C ASP B 201 -30.35 -7.59 -8.31
N ILE B 202 -30.76 -8.85 -8.23
CA ILE B 202 -30.15 -9.85 -9.11
C ILE B 202 -30.59 -9.65 -10.56
N ASP B 203 -31.80 -9.13 -10.77
CA ASP B 203 -32.28 -8.94 -12.15
C ASP B 203 -31.40 -7.93 -12.90
N GLY B 204 -31.24 -6.74 -12.34
CA GLY B 204 -30.40 -5.74 -12.98
C GLY B 204 -28.95 -6.17 -13.08
N THR B 205 -28.45 -6.83 -12.03
CA THR B 205 -27.09 -7.35 -12.04
C THR B 205 -26.87 -8.32 -13.21
N GLU B 206 -27.81 -9.26 -13.38
CA GLU B 206 -27.69 -10.23 -14.45
C GLU B 206 -27.79 -9.57 -15.82
N ARG B 207 -28.73 -8.62 -15.98
CA ARG B 207 -28.87 -7.99 -17.29
C ARG B 207 -27.61 -7.22 -17.67
N LEU B 208 -26.99 -6.53 -16.70
CA LEU B 208 -25.76 -5.79 -16.98
C LEU B 208 -24.59 -6.72 -17.28
N ILE B 209 -24.44 -7.80 -16.52
CA ILE B 209 -23.32 -8.74 -16.81
C ILE B 209 -23.52 -9.37 -18.19
N GLU B 210 -24.77 -9.71 -18.51
CA GLU B 210 -25.09 -10.37 -19.80
C GLU B 210 -24.70 -9.45 -20.96
N GLN B 211 -25.00 -8.16 -20.81
CA GLN B 211 -24.76 -7.09 -21.79
C GLN B 211 -23.26 -6.90 -22.02
N HIS B 212 -22.45 -7.07 -20.97
CA HIS B 212 -21.02 -6.78 -21.05
C HIS B 212 -20.16 -8.03 -20.91
N ARG B 213 -20.71 -9.20 -21.21
CA ARG B 213 -20.08 -10.46 -20.83
C ARG B 213 -18.74 -10.70 -21.51
N ASP B 214 -18.53 -10.15 -22.71
CA ASP B 214 -17.29 -10.46 -23.42
C ASP B 214 -16.15 -9.57 -22.98
N GLU B 215 -16.47 -8.42 -22.36
CA GLU B 215 -15.42 -7.43 -21.92
C GLU B 215 -15.14 -7.47 -20.42
N LEU B 216 -15.83 -8.30 -19.64
CA LEU B 216 -15.71 -8.21 -18.18
C LEU B 216 -14.69 -9.24 -17.71
N ALA B 217 -13.55 -8.74 -17.22
CA ALA B 217 -12.57 -9.61 -16.57
C ALA B 217 -13.04 -10.08 -15.19
N ALA B 218 -13.73 -9.22 -14.44
CA ALA B 218 -14.06 -9.53 -13.06
C ALA B 218 -15.32 -8.80 -12.61
N VAL B 219 -15.99 -9.40 -11.63
CA VAL B 219 -16.98 -8.73 -10.79
C VAL B 219 -16.42 -8.68 -9.37
N LEU B 220 -16.33 -7.48 -8.81
CA LEU B 220 -15.81 -7.28 -7.47
C LEU B 220 -16.97 -6.98 -6.54
N ILE B 221 -17.07 -7.73 -5.44
CA ILE B 221 -18.22 -7.57 -4.54
C ILE B 221 -17.78 -7.70 -3.09
N ASP B 222 -18.21 -6.74 -2.26
CA ASP B 222 -18.10 -6.83 -0.81
C ASP B 222 -19.32 -7.56 -0.28
N PRO B 223 -19.16 -8.74 0.38
CA PRO B 223 -20.31 -9.55 0.84
C PRO B 223 -21.24 -8.82 1.82
N ASN B 224 -20.68 -8.01 2.70
CA ASN B 224 -21.49 -7.25 3.71
C ASN B 224 -20.97 -5.80 3.73
N PRO B 225 -21.25 -4.97 2.70
CA PRO B 225 -20.67 -3.64 2.64
C PRO B 225 -21.14 -2.67 3.73
N ARG B 226 -20.17 -2.06 4.43
CA ARG B 226 -20.49 -1.06 5.47
C ARG B 226 -21.17 0.15 4.81
N SER B 227 -20.70 0.52 3.63
CA SER B 227 -21.23 1.70 2.94
C SER B 227 -22.72 1.59 2.65
N LEU B 228 -23.23 0.36 2.52
CA LEU B 228 -24.65 0.15 2.25
C LEU B 228 -25.41 -0.29 3.50
N GLY B 229 -24.91 0.02 4.69
CA GLY B 229 -25.63 -0.29 5.91
C GLY B 229 -25.35 -1.64 6.53
N LEU B 230 -24.31 -2.36 6.11
CA LEU B 230 -23.98 -3.67 6.69
C LEU B 230 -25.15 -4.63 6.59
N TYR B 231 -25.78 -4.66 5.43
CA TYR B 231 -26.77 -5.67 5.14
C TYR B 231 -26.20 -6.60 4.07
N PRO B 232 -26.07 -7.90 4.35
CA PRO B 232 -25.30 -8.78 3.48
C PRO B 232 -25.97 -9.07 2.15
N ALA B 233 -25.14 -9.46 1.18
CA ALA B 233 -25.64 -10.04 -0.06
C ALA B 233 -26.55 -11.22 0.28
N GLU B 234 -27.76 -11.20 -0.28
CA GLU B 234 -28.72 -12.25 0.01
C GLU B 234 -28.35 -13.55 -0.72
N PRO B 235 -28.66 -14.71 -0.13
CA PRO B 235 -28.11 -15.97 -0.67
C PRO B 235 -28.47 -16.25 -2.12
N ALA B 236 -29.73 -16.07 -2.51
CA ALA B 236 -30.12 -16.31 -3.90
C ALA B 236 -29.36 -15.39 -4.86
N PHE B 237 -29.23 -14.11 -4.49
CA PHE B 237 -28.50 -13.14 -5.30
C PHE B 237 -27.05 -13.58 -5.51
N LEU B 238 -26.39 -13.98 -4.43
CA LEU B 238 -24.97 -14.32 -4.51
C LEU B 238 -24.76 -15.64 -5.26
N GLN B 239 -25.68 -16.59 -5.09
CA GLN B 239 -25.58 -17.85 -5.83
C GLN B 239 -25.77 -17.64 -7.32
N ARG B 240 -26.74 -16.80 -7.70
CA ARG B 240 -26.92 -16.53 -9.13
C ARG B 240 -25.76 -15.73 -9.71
N LEU B 241 -25.18 -14.82 -8.92
CA LEU B 241 -23.98 -14.12 -9.35
C LEU B 241 -22.85 -15.09 -9.60
N ARG B 242 -22.67 -16.07 -8.68
CA ARG B 242 -21.63 -17.08 -8.90
C ARG B 242 -21.90 -17.87 -10.18
N GLU B 243 -23.16 -18.23 -10.43
CA GLU B 243 -23.47 -19.03 -11.62
C GLU B 243 -23.19 -18.25 -12.90
N ILE B 244 -23.60 -16.99 -12.96
CA ILE B 244 -23.48 -16.27 -14.22
C ILE B 244 -22.01 -15.92 -14.49
N THR B 245 -21.25 -15.57 -13.45
CA THR B 245 -19.83 -15.29 -13.69
C THR B 245 -19.09 -16.56 -14.11
N ARG B 246 -19.42 -17.70 -13.49
CA ARG B 246 -18.78 -18.95 -13.91
C ARG B 246 -19.15 -19.28 -15.37
N ALA B 247 -20.40 -19.06 -15.75
CA ALA B 247 -20.81 -19.39 -17.12
C ALA B 247 -20.04 -18.57 -18.15
N TYR B 248 -19.73 -17.32 -17.80
CA TYR B 248 -19.13 -16.35 -18.75
C TYR B 248 -17.61 -16.21 -18.65
N GLY B 249 -16.95 -17.02 -17.83
CA GLY B 249 -15.51 -16.89 -17.67
C GLY B 249 -15.08 -15.61 -16.99
N ILE B 250 -15.94 -15.05 -16.14
CA ILE B 250 -15.67 -13.82 -15.41
C ILE B 250 -15.18 -14.17 -14.00
N VAL B 251 -14.09 -13.54 -13.58
CA VAL B 251 -13.50 -13.80 -12.28
C VAL B 251 -14.35 -13.13 -11.21
N LEU B 252 -14.82 -13.91 -10.24
CA LEU B 252 -15.57 -13.37 -9.10
C LEU B 252 -14.60 -13.08 -7.96
N ILE B 253 -14.48 -11.81 -7.60
CA ILE B 253 -13.59 -11.36 -6.53
C ILE B 253 -14.44 -10.92 -5.33
N PHE B 254 -14.23 -11.55 -4.19
CA PHE B 254 -14.80 -11.06 -2.93
C PHE B 254 -13.84 -10.07 -2.29
N ASP B 255 -14.35 -8.92 -1.88
CA ASP B 255 -13.60 -7.97 -1.06
C ASP B 255 -13.96 -8.25 0.39
N GLU B 256 -13.10 -9.02 1.08
CA GLU B 256 -13.28 -9.32 2.49
C GLU B 256 -12.28 -8.56 3.36
N VAL B 257 -11.83 -7.39 2.92
CA VAL B 257 -10.86 -6.63 3.71
C VAL B 257 -11.43 -6.35 5.10
N ILE B 258 -12.74 -6.10 5.19
CA ILE B 258 -13.43 -6.04 6.47
C ILE B 258 -14.12 -7.36 6.81
N SER B 259 -14.84 -7.97 5.86
CA SER B 259 -15.77 -9.05 6.20
C SER B 259 -15.09 -10.36 6.60
N LEU B 260 -13.78 -10.52 6.35
CA LEU B 260 -13.13 -11.78 6.66
C LEU B 260 -13.25 -12.14 8.13
N ARG B 261 -13.48 -11.14 8.97
CA ARG B 261 -13.56 -11.35 10.44
C ARG B 261 -14.93 -11.93 10.83
N SER B 262 -15.84 -12.14 9.87
CA SER B 262 -17.19 -12.59 10.22
C SER B 262 -17.23 -14.04 10.69
N ASP B 263 -16.19 -14.82 10.41
CA ASP B 263 -16.25 -16.26 10.60
C ASP B 263 -14.85 -16.83 10.46
N TYR B 264 -14.63 -18.01 11.07
CA TYR B 264 -13.34 -18.69 10.93
C TYR B 264 -12.92 -18.80 9.46
N GLY B 265 -13.88 -19.03 8.56
CA GLY B 265 -13.62 -19.13 7.14
C GLY B 265 -14.15 -17.97 6.32
N GLY B 266 -14.35 -16.82 6.95
CA GLY B 266 -14.79 -15.64 6.23
C GLY B 266 -16.29 -15.60 5.97
N MET B 267 -16.72 -14.43 5.50
CA MET B 267 -18.13 -14.26 5.16
C MET B 267 -18.52 -15.15 3.99
N GLN B 268 -17.57 -15.43 3.08
CA GLN B 268 -17.86 -16.37 2.01
C GLN B 268 -18.26 -17.74 2.57
N SER B 269 -17.65 -18.16 3.67
CA SER B 269 -18.05 -19.42 4.28
C SER B 269 -19.42 -19.30 4.91
N VAL B 270 -19.71 -18.15 5.53
CA VAL B 270 -21.06 -17.96 6.07
C VAL B 270 -22.12 -18.05 4.97
N LEU B 271 -21.89 -17.39 3.84
CA LEU B 271 -22.88 -17.30 2.77
C LEU B 271 -22.81 -18.46 1.79
N GLY B 272 -21.81 -19.34 1.91
CA GLY B 272 -21.77 -20.55 1.11
C GLY B 272 -21.47 -20.35 -0.36
N VAL B 273 -20.61 -19.40 -0.72
CA VAL B 273 -20.26 -19.14 -2.11
C VAL B 273 -18.75 -19.06 -2.23
N THR B 274 -18.19 -19.71 -3.27
CA THR B 274 -16.76 -19.83 -3.46
C THR B 274 -16.31 -18.83 -4.52
N PRO B 275 -15.69 -17.72 -4.16
CA PRO B 275 -15.19 -16.79 -5.18
C PRO B 275 -13.95 -17.34 -5.85
N ASP B 276 -13.57 -16.71 -6.95
CA ASP B 276 -12.32 -17.09 -7.61
C ASP B 276 -11.13 -16.44 -6.93
N LEU B 277 -11.30 -15.19 -6.49
CA LEU B 277 -10.29 -14.47 -5.73
C LEU B 277 -10.96 -13.80 -4.53
N THR B 278 -10.14 -13.55 -3.51
CA THR B 278 -10.52 -12.78 -2.34
C THR B 278 -9.42 -11.77 -2.03
N ALA B 279 -9.81 -10.52 -1.82
CA ALA B 279 -8.95 -9.48 -1.28
C ALA B 279 -9.18 -9.38 0.23
N MET B 280 -8.08 -9.24 0.97
CA MET B 280 -8.09 -9.22 2.43
C MET B 280 -7.12 -8.17 2.91
N GLY B 281 -7.22 -7.84 4.19
CA GLY B 281 -6.34 -6.88 4.82
C GLY B 281 -6.75 -6.72 6.27
N LYS B 282 -6.47 -5.56 6.86
CA LYS B 282 -6.90 -5.21 8.22
C LYS B 282 -6.50 -6.26 9.26
N ILE B 283 -7.43 -7.10 9.69
CA ILE B 283 -7.10 -7.99 10.86
C ILE B 283 -5.89 -8.88 10.58
N ILE B 284 -5.67 -9.24 9.31
CA ILE B 284 -4.71 -10.29 9.04
C ILE B 284 -3.29 -9.79 9.25
N GLY B 285 -3.12 -8.51 9.59
CA GLY B 285 -1.78 -8.00 9.86
C GLY B 285 -1.46 -7.72 11.31
N GLY B 286 -2.34 -8.06 12.26
CA GLY B 286 -2.08 -7.81 13.67
C GLY B 286 -1.94 -6.36 14.06
N GLY B 287 -2.44 -5.43 13.25
CA GLY B 287 -2.26 -4.00 13.48
C GLY B 287 -1.20 -3.35 12.62
N PHE B 288 -0.53 -4.11 11.78
CA PHE B 288 0.53 -3.57 10.93
C PHE B 288 0.06 -3.52 9.49
N PRO B 289 0.66 -2.67 8.65
CA PRO B 289 0.15 -2.51 7.28
C PRO B 289 0.20 -3.83 6.52
N VAL B 290 -0.88 -4.13 5.80
CA VAL B 290 -1.04 -5.45 5.23
C VAL B 290 -2.18 -5.47 4.22
N GLY B 291 -2.05 -6.36 3.24
CA GLY B 291 -3.18 -6.81 2.43
C GLY B 291 -2.82 -8.17 1.89
N ALA B 292 -3.79 -8.79 1.22
CA ALA B 292 -3.50 -10.10 0.63
C ALA B 292 -4.54 -10.37 -0.43
N VAL B 293 -4.11 -11.03 -1.49
CA VAL B 293 -5.00 -11.51 -2.53
C VAL B 293 -4.77 -13.01 -2.63
N GLY B 294 -5.87 -13.78 -2.62
CA GLY B 294 -5.71 -15.22 -2.71
C GLY B 294 -6.88 -15.84 -3.43
N GLY B 295 -6.72 -17.11 -3.78
CA GLY B 295 -7.80 -17.83 -4.41
C GLY B 295 -7.32 -19.13 -5.03
N SER B 296 -8.03 -19.55 -6.07
CA SER B 296 -7.67 -20.76 -6.78
C SER B 296 -6.26 -20.67 -7.34
N ALA B 297 -5.53 -21.80 -7.28
CA ALA B 297 -4.24 -21.89 -7.95
C ALA B 297 -4.36 -21.58 -9.44
N GLU B 298 -5.50 -21.92 -10.03
CA GLU B 298 -5.74 -21.66 -11.45
C GLU B 298 -5.59 -20.17 -11.77
N VAL B 299 -6.28 -19.31 -11.01
CA VAL B 299 -6.21 -17.89 -11.32
C VAL B 299 -4.93 -17.28 -10.78
N MET B 300 -4.53 -17.66 -9.56
CA MET B 300 -3.32 -17.10 -8.99
C MET B 300 -2.07 -17.44 -9.80
N SER B 301 -2.15 -18.40 -10.72
CA SER B 301 -0.97 -18.75 -11.54
C SER B 301 -0.48 -17.60 -12.41
N VAL B 302 -1.29 -16.56 -12.63
CA VAL B 302 -0.80 -15.40 -13.38
C VAL B 302 0.39 -14.74 -12.68
N PHE B 303 0.56 -15.00 -11.38
CA PHE B 303 1.67 -14.44 -10.60
C PHE B 303 2.90 -15.35 -10.54
N ASP B 304 2.78 -16.60 -10.94
CA ASP B 304 3.84 -17.59 -10.76
C ASP B 304 5.06 -17.22 -11.60
N PRO B 305 6.22 -16.96 -10.99
CA PRO B 305 7.41 -16.61 -11.78
C PRO B 305 8.27 -17.80 -12.17
N THR B 306 7.89 -19.00 -11.77
CA THR B 306 8.63 -20.18 -12.20
C THR B 306 8.13 -20.55 -13.59
N GLY B 307 9.01 -21.11 -14.40
CA GLY B 307 8.54 -21.46 -15.73
C GLY B 307 8.32 -20.28 -16.65
N GLY B 308 9.18 -19.27 -16.57
CA GLY B 308 9.08 -18.09 -17.40
C GLY B 308 8.65 -16.86 -16.63
N PRO B 309 8.56 -15.73 -17.32
CA PRO B 309 8.09 -14.49 -16.69
C PRO B 309 6.63 -14.60 -16.28
N PRO B 310 6.26 -14.05 -15.13
CA PRO B 310 4.86 -14.11 -14.74
C PRO B 310 4.02 -13.25 -15.66
N ARG B 311 2.79 -13.71 -15.93
CA ARG B 311 1.85 -12.93 -16.77
C ARG B 311 1.57 -11.60 -16.07
N ALA B 312 1.48 -11.63 -14.74
CA ALA B 312 1.20 -10.44 -13.93
C ALA B 312 2.35 -10.23 -12.94
N PRO B 313 3.30 -9.32 -13.24
CA PRO B 313 4.39 -9.03 -12.32
C PRO B 313 3.80 -8.44 -11.03
N HIS B 314 4.35 -8.84 -9.88
CA HIS B 314 3.86 -8.27 -8.60
C HIS B 314 5.02 -8.07 -7.61
N GLY B 315 5.64 -6.90 -7.68
CA GLY B 315 6.71 -6.48 -6.75
C GLY B 315 6.10 -5.82 -5.51
N GLY B 316 6.96 -5.28 -4.64
CA GLY B 316 6.48 -4.61 -3.42
C GLY B 316 7.55 -4.72 -2.37
N THR B 317 8.17 -3.59 -2.04
CA THR B 317 9.34 -3.58 -1.12
C THR B 317 9.01 -4.20 0.23
N PHE B 318 7.83 -3.88 0.77
CA PHE B 318 7.44 -4.37 2.11
C PHE B 318 6.48 -5.56 2.05
N ASN B 319 6.26 -6.12 0.86
CA ASN B 319 5.35 -7.29 0.79
C ASN B 319 5.91 -8.39 1.70
N ALA B 320 5.05 -8.94 2.55
CA ALA B 320 5.40 -10.09 3.38
C ALA B 320 6.59 -9.79 4.29
N ASN B 321 6.76 -8.54 4.70
CA ASN B 321 7.81 -8.24 5.66
C ASN B 321 7.56 -9.03 6.94
N PRO B 322 8.62 -9.47 7.62
CA PRO B 322 8.42 -10.38 8.76
C PRO B 322 7.67 -9.78 9.93
N VAL B 323 7.72 -8.46 10.13
CA VAL B 323 6.95 -7.91 11.24
C VAL B 323 5.46 -8.12 11.00
N THR B 324 4.96 -7.69 9.84
CA THR B 324 3.55 -7.89 9.52
C THR B 324 3.19 -9.37 9.52
N MET B 325 4.09 -10.23 9.01
CA MET B 325 3.76 -11.65 8.94
C MET B 325 3.64 -12.27 10.32
N VAL B 326 4.56 -11.91 11.23
CA VAL B 326 4.55 -12.44 12.59
C VAL B 326 3.36 -11.88 13.38
N ALA B 327 3.10 -10.59 13.27
CA ALA B 327 1.96 -10.00 13.98
C ALA B 327 0.64 -10.58 13.46
N GLY B 328 0.53 -10.78 12.14
CA GLY B 328 -0.65 -11.39 11.58
C GLY B 328 -0.82 -12.83 12.01
N LEU B 329 0.26 -13.61 12.00
CA LEU B 329 0.19 -14.99 12.46
C LEU B 329 -0.32 -15.06 13.91
N THR B 330 0.22 -14.21 14.78
CA THR B 330 -0.22 -14.20 16.18
C THR B 330 -1.69 -13.79 16.29
N ALA B 331 -2.07 -12.68 15.62
CA ALA B 331 -3.44 -12.21 15.69
C ALA B 331 -4.43 -13.28 15.23
N MET B 332 -4.12 -13.94 14.12
CA MET B 332 -5.03 -14.95 13.60
C MET B 332 -5.04 -16.19 14.48
N ARG B 333 -3.88 -16.61 14.99
CA ARG B 333 -3.86 -17.79 15.86
C ARG B 333 -4.67 -17.57 17.12
N LYS B 334 -4.74 -16.33 17.61
CA LYS B 334 -5.59 -16.02 18.76
C LYS B 334 -7.07 -16.01 18.45
N LEU B 335 -7.46 -15.88 17.16
CA LEU B 335 -8.86 -15.92 16.74
C LEU B 335 -9.24 -17.36 16.44
N THR B 336 -9.58 -18.09 17.49
CA THR B 336 -10.00 -19.49 17.45
C THR B 336 -11.50 -19.60 17.24
N PRO B 337 -12.01 -20.79 16.92
CA PRO B 337 -13.48 -20.97 16.89
C PRO B 337 -14.18 -20.53 18.16
N ALA B 338 -13.59 -20.80 19.34
CA ALA B 338 -14.22 -20.36 20.58
C ALA B 338 -14.27 -18.83 20.65
N GLU B 339 -13.24 -18.15 20.15
CA GLU B 339 -13.27 -16.69 20.16
C GLU B 339 -14.31 -16.14 19.19
N PHE B 340 -14.44 -16.77 18.02
CA PHE B 340 -15.47 -16.33 17.10
C PHE B 340 -16.85 -16.48 17.73
N ASP B 341 -17.09 -17.61 18.41
CA ASP B 341 -18.37 -17.84 19.10
C ASP B 341 -18.64 -16.78 20.16
N ARG B 342 -17.62 -16.47 20.97
CA ARG B 342 -17.80 -15.47 22.02
C ARG B 342 -18.11 -14.09 21.45
N LEU B 343 -17.35 -13.68 20.43
CA LEU B 343 -17.61 -12.39 19.77
C LEU B 343 -19.01 -12.35 19.17
N ALA B 344 -19.47 -13.45 18.60
CA ALA B 344 -20.80 -13.45 17.99
C ALA B 344 -21.88 -13.32 19.05
N THR B 345 -21.69 -13.99 20.19
CA THR B 345 -22.65 -13.85 21.29
C THR B 345 -22.66 -12.42 21.81
N LEU B 346 -21.48 -11.84 22.03
CA LEU B 346 -21.43 -10.47 22.50
C LEU B 346 -22.06 -9.50 21.49
N GLY B 347 -21.85 -9.76 20.19
CA GLY B 347 -22.44 -8.90 19.18
C GLY B 347 -23.96 -9.00 19.17
N GLN B 348 -24.49 -10.21 19.28
CA GLN B 348 -25.93 -10.39 19.39
C GLN B 348 -26.48 -9.65 20.61
N GLN B 349 -25.80 -9.76 21.76
CA GLN B 349 -26.25 -9.07 22.97
C GLN B 349 -26.26 -7.56 22.78
N LEU B 350 -25.20 -7.01 22.17
CA LEU B 350 -25.17 -5.58 21.91
C LEU B 350 -26.33 -5.17 20.99
N ARG B 351 -26.51 -5.90 19.90
CA ARG B 351 -27.54 -5.54 18.91
C ARG B 351 -28.93 -5.61 19.54
N ALA B 352 -29.20 -6.66 20.32
CA ALA B 352 -30.49 -6.77 20.99
C ALA B 352 -30.69 -5.65 22.01
N GLY B 353 -29.64 -5.31 22.75
CA GLY B 353 -29.76 -4.23 23.71
C GLY B 353 -30.11 -2.90 23.05
N VAL B 354 -29.46 -2.62 21.91
CA VAL B 354 -29.75 -1.39 21.19
C VAL B 354 -31.18 -1.38 20.66
N GLU B 355 -31.64 -2.53 20.14
CA GLU B 355 -33.02 -2.58 19.65
C GLU B 355 -33.99 -2.33 20.79
N GLU B 356 -33.71 -2.86 21.97
CA GLU B 356 -34.58 -2.61 23.12
C GLU B 356 -34.56 -1.14 23.53
N VAL B 357 -33.39 -0.48 23.46
CA VAL B 357 -33.31 0.94 23.78
C VAL B 357 -34.16 1.76 22.82
N LEU B 358 -34.07 1.44 21.52
CA LEU B 358 -34.88 2.11 20.53
C LEU B 358 -36.37 1.86 20.78
N ARG B 359 -36.71 0.64 21.10
CA ARG B 359 -38.14 0.32 21.33
C ARG B 359 -38.67 1.10 22.53
N GLU B 360 -37.93 1.08 23.63
CA GLU B 360 -38.37 1.78 24.86
C GLU B 360 -38.47 3.29 24.64
N ALA B 361 -37.55 3.87 23.88
CA ALA B 361 -37.58 5.32 23.63
C ALA B 361 -38.64 5.69 22.58
N GLY B 362 -39.25 4.70 21.92
CA GLY B 362 -40.17 5.07 20.87
C GLY B 362 -39.52 5.66 19.64
N VAL B 363 -38.25 5.35 19.40
CA VAL B 363 -37.47 5.92 18.30
C VAL B 363 -37.39 4.86 17.21
N PRO B 364 -37.89 5.12 16.00
CA PRO B 364 -37.76 4.12 14.93
C PRO B 364 -36.30 3.84 14.60
N GLY B 365 -36.00 2.56 14.40
CA GLY B 365 -34.64 2.21 14.06
C GLY B 365 -34.51 0.71 13.93
N GLN B 366 -33.30 0.29 13.59
CA GLN B 366 -33.00 -1.12 13.41
C GLN B 366 -31.50 -1.27 13.58
N VAL B 367 -31.07 -2.50 13.81
CA VAL B 367 -29.66 -2.80 13.95
C VAL B 367 -29.34 -3.99 13.07
N THR B 368 -28.37 -3.81 12.17
CA THR B 368 -27.86 -4.92 11.37
C THR B 368 -26.51 -5.34 11.92
N GLY B 369 -26.07 -6.52 11.52
CA GLY B 369 -24.73 -6.95 11.90
C GLY B 369 -24.60 -8.45 11.86
N TYR B 370 -23.35 -8.88 12.01
CA TYR B 370 -23.01 -10.30 12.00
C TYR B 370 -21.70 -10.49 12.74
N GLY B 371 -21.57 -11.58 13.48
CA GLY B 371 -20.38 -11.78 14.28
C GLY B 371 -20.15 -10.56 15.16
N SER B 372 -18.95 -9.96 15.07
CA SER B 372 -18.59 -8.82 15.91
C SER B 372 -18.72 -7.48 15.20
N LEU B 373 -19.47 -7.42 14.10
CA LEU B 373 -19.73 -6.19 13.37
C LEU B 373 -21.19 -5.80 13.52
N PHE B 374 -21.46 -4.50 13.70
CA PHE B 374 -22.83 -4.04 13.83
C PHE B 374 -22.98 -2.64 13.25
N HIS B 375 -24.22 -2.30 12.91
CA HIS B 375 -24.55 -1.00 12.34
C HIS B 375 -25.91 -0.57 12.89
N ILE B 376 -25.94 0.56 13.60
CA ILE B 376 -27.20 1.14 14.10
C ILE B 376 -27.80 2.03 13.02
N HIS B 377 -29.11 1.94 12.84
CA HIS B 377 -29.85 2.73 11.88
C HIS B 377 -30.99 3.42 12.60
N LEU B 378 -31.16 4.72 12.35
CA LEU B 378 -32.24 5.50 12.98
C LEU B 378 -33.41 5.70 12.03
N HIS B 379 -33.70 4.66 11.26
CA HIS B 379 -34.85 4.59 10.38
C HIS B 379 -35.25 3.14 10.27
N GLN B 380 -36.41 2.89 9.64
CA GLN B 380 -36.90 1.53 9.47
C GLN B 380 -37.10 1.18 8.00
N ARG B 381 -36.25 1.75 7.12
CA ARG B 381 -36.32 1.37 5.71
C ARG B 381 -35.65 0.02 5.48
N PRO B 382 -36.22 -0.81 4.62
CA PRO B 382 -35.58 -2.10 4.30
C PRO B 382 -34.30 -1.89 3.52
N LEU B 383 -33.16 -2.26 4.11
CA LEU B 383 -31.87 -2.04 3.49
C LEU B 383 -31.60 -3.02 2.34
N ALA B 384 -32.47 -4.01 2.16
CA ALA B 384 -32.39 -4.90 1.01
C ALA B 384 -32.54 -4.14 -0.29
N ASP B 385 -33.17 -2.96 -0.26
CA ASP B 385 -33.16 -2.03 -1.38
C ASP B 385 -32.06 -1.00 -1.07
N TYR B 386 -30.92 -1.11 -1.77
CA TYR B 386 -29.70 -0.45 -1.29
C TYR B 386 -29.83 1.06 -1.27
N ARG B 387 -30.68 1.62 -2.12
CA ARG B 387 -30.81 3.07 -2.15
C ARG B 387 -31.44 3.61 -0.87
N ASN B 388 -32.07 2.74 -0.07
CA ASN B 388 -32.59 3.14 1.22
C ASN B 388 -31.49 3.42 2.24
N SER B 389 -30.25 3.00 1.98
CA SER B 389 -29.21 3.27 2.96
C SER B 389 -28.79 4.73 2.99
N VAL B 390 -29.13 5.51 1.95
CA VAL B 390 -28.77 6.92 1.92
C VAL B 390 -29.62 7.71 2.92
N LEU B 391 -28.97 8.59 3.68
CA LEU B 391 -29.63 9.32 4.74
C LEU B 391 -30.09 10.70 4.26
N SER B 392 -31.26 11.11 4.75
CA SER B 392 -31.73 12.47 4.52
C SER B 392 -30.93 13.45 5.39
N ALA B 393 -31.15 14.74 5.14
CA ALA B 393 -30.51 15.77 5.96
C ALA B 393 -30.90 15.62 7.43
N GLN B 394 -32.19 15.40 7.69
CA GLN B 394 -32.65 15.23 9.07
C GLN B 394 -31.99 14.02 9.72
N GLU B 395 -31.86 12.93 8.98
CA GLU B 395 -31.22 11.75 9.52
C GLU B 395 -29.73 11.98 9.77
N ARG B 396 -29.05 12.68 8.85
CA ARG B 396 -27.64 12.98 9.07
C ARG B 396 -27.44 13.82 10.33
N ALA B 397 -28.28 14.86 10.51
CA ALA B 397 -28.17 15.70 11.71
C ALA B 397 -28.45 14.91 13.00
N PHE B 398 -29.49 14.06 12.98
CA PHE B 398 -29.85 13.31 14.18
C PHE B 398 -28.79 12.26 14.53
N VAL B 399 -28.32 11.51 13.54
CA VAL B 399 -27.22 10.57 13.75
C VAL B 399 -25.99 11.30 14.26
N GLY B 400 -25.72 12.51 13.73
CA GLY B 400 -24.60 13.29 14.21
C GLY B 400 -24.73 13.68 15.66
N ARG B 401 -25.96 14.04 16.08
CA ARG B 401 -26.17 14.32 17.51
C ARG B 401 -25.90 13.07 18.35
N VAL B 402 -26.39 11.91 17.91
CA VAL B 402 -26.15 10.68 18.69
C VAL B 402 -24.66 10.38 18.77
N HIS B 403 -23.95 10.54 17.65
CA HIS B 403 -22.53 10.24 17.63
C HIS B 403 -21.75 11.19 18.55
N GLU B 404 -22.05 12.49 18.48
CA GLU B 404 -21.36 13.46 19.34
C GLU B 404 -21.62 13.18 20.82
N ALA B 405 -22.87 12.85 21.17
CA ALA B 405 -23.17 12.53 22.57
C ALA B 405 -22.43 11.27 23.01
N LEU B 406 -22.41 10.24 22.15
CA LEU B 406 -21.67 9.02 22.49
C LEU B 406 -20.20 9.36 22.74
N MET B 407 -19.60 10.15 21.84
CA MET B 407 -18.21 10.57 22.01
C MET B 407 -18.00 11.25 23.37
N GLY B 408 -18.94 12.07 23.79
CA GLY B 408 -18.80 12.71 25.08
C GLY B 408 -19.13 11.83 26.27
N ARG B 409 -19.62 10.62 26.00
CA ARG B 409 -20.05 9.66 27.05
C ARG B 409 -19.13 8.44 27.11
N GLY B 410 -17.88 8.57 26.65
CA GLY B 410 -16.95 7.47 26.75
C GLY B 410 -17.09 6.40 25.68
N ILE B 411 -17.73 6.71 24.56
CA ILE B 411 -17.89 5.76 23.46
C ILE B 411 -17.34 6.36 22.17
N PHE B 412 -16.43 5.65 21.53
CA PHE B 412 -15.85 6.03 20.24
C PHE B 412 -16.39 5.08 19.20
N ILE B 413 -17.25 5.59 18.30
CA ILE B 413 -17.83 4.82 17.22
C ILE B 413 -17.74 5.66 15.95
N THR B 414 -17.89 5.02 14.79
CA THR B 414 -17.83 5.79 13.55
C THR B 414 -19.01 6.74 13.45
N PRO B 415 -18.87 7.80 12.66
CA PRO B 415 -20.00 8.73 12.48
C PRO B 415 -21.26 8.05 11.95
N ALA B 416 -21.15 6.95 11.20
CA ALA B 416 -22.34 6.29 10.70
C ALA B 416 -23.01 5.42 11.77
N LEU B 417 -22.39 5.28 12.95
CA LEU B 417 -22.79 4.32 13.97
C LEU B 417 -22.57 2.88 13.49
N PHE B 418 -21.50 2.74 12.71
CA PHE B 418 -20.98 1.41 12.33
C PHE B 418 -19.90 1.11 13.38
N GLY B 419 -19.93 -0.08 13.98
CA GLY B 419 -18.98 -0.39 15.01
C GLY B 419 -18.58 -1.85 15.01
N CYS B 420 -17.53 -2.14 15.76
CA CYS B 420 -16.97 -3.48 15.85
C CYS B 420 -16.51 -3.76 17.28
N LEU B 421 -16.62 -5.02 17.67
CA LEU B 421 -16.06 -5.43 18.96
C LEU B 421 -14.59 -5.84 18.84
N SER B 422 -13.92 -5.82 19.98
CA SER B 422 -12.56 -6.34 20.12
C SER B 422 -12.53 -7.42 21.20
N THR B 423 -11.54 -8.32 21.10
CA THR B 423 -11.46 -9.43 22.02
C THR B 423 -11.26 -9.03 23.49
N PRO B 424 -10.67 -7.88 23.85
CA PRO B 424 -10.67 -7.50 25.28
C PRO B 424 -12.05 -7.23 25.84
N MET B 425 -13.07 -7.15 24.99
CA MET B 425 -14.40 -6.79 25.47
C MET B 425 -15.13 -7.99 26.08
N GLY B 426 -15.99 -7.68 27.03
CA GLY B 426 -16.92 -8.64 27.58
C GLY B 426 -18.29 -8.02 27.78
N VAL B 427 -19.13 -8.69 28.57
CA VAL B 427 -20.45 -8.14 28.87
C VAL B 427 -20.38 -6.73 29.46
N PRO B 428 -19.45 -6.40 30.37
CA PRO B 428 -19.42 -5.02 30.89
C PRO B 428 -19.26 -3.96 29.80
N GLU B 429 -18.41 -4.20 28.81
CA GLU B 429 -18.25 -3.21 27.73
C GLU B 429 -19.51 -3.10 26.89
N VAL B 430 -20.19 -4.22 26.63
CA VAL B 430 -21.44 -4.21 25.86
C VAL B 430 -22.52 -3.44 26.60
N GLU B 431 -22.68 -3.71 27.89
CA GLU B 431 -23.63 -2.96 28.69
C GLU B 431 -23.29 -1.48 28.76
N ALA B 432 -22.00 -1.14 28.87
CA ALA B 432 -21.61 0.26 28.84
C ALA B 432 -22.02 0.91 27.52
N PHE B 433 -21.81 0.21 26.41
CA PHE B 433 -22.26 0.75 25.13
C PHE B 433 -23.76 0.99 25.13
N VAL B 434 -24.55 -0.02 25.56
CA VAL B 434 -26.01 0.10 25.46
C VAL B 434 -26.53 1.23 26.35
N ASP B 435 -25.99 1.34 27.57
CA ASP B 435 -26.38 2.42 28.47
C ASP B 435 -26.02 3.78 27.89
N ALA B 436 -24.80 3.91 27.34
CA ALA B 436 -24.39 5.18 26.74
C ALA B 436 -25.24 5.54 25.53
N PHE B 437 -25.67 4.54 24.76
CA PHE B 437 -26.52 4.81 23.61
C PHE B 437 -27.88 5.33 24.06
N ALA B 438 -28.45 4.73 25.11
CA ALA B 438 -29.71 5.25 25.65
C ALA B 438 -29.57 6.71 26.07
N ALA B 439 -28.49 7.02 26.79
CA ALA B 439 -28.29 8.42 27.20
C ALA B 439 -28.09 9.33 25.98
N ALA B 440 -27.36 8.86 24.96
CA ALA B 440 -27.10 9.68 23.78
C ALA B 440 -28.38 9.93 22.98
N LEU B 441 -29.25 8.94 22.90
CA LEU B 441 -30.54 9.14 22.25
C LEU B 441 -31.35 10.20 22.98
N GLN B 442 -31.35 10.15 24.31
CA GLN B 442 -32.11 11.17 25.08
C GLN B 442 -31.51 12.54 24.77
N ASP B 443 -30.18 12.66 24.79
CA ASP B 443 -29.52 13.91 24.44
C ASP B 443 -29.95 14.41 23.07
N ALA B 444 -29.91 13.52 22.07
CA ALA B 444 -30.20 13.94 20.70
C ALA B 444 -31.62 14.44 20.57
N ARG B 445 -32.51 13.97 21.44
CA ARG B 445 -33.94 14.38 21.39
C ARG B 445 -34.21 15.54 22.35
N GLY B 446 -33.21 15.96 23.13
CA GLY B 446 -33.41 17.07 24.08
C GLY B 446 -34.19 16.66 25.33
N LEU B 447 -34.19 15.36 25.67
CA LEU B 447 -34.98 14.83 26.82
C LEU B 447 -34.08 14.59 28.05
N GLU B 448 -34.68 14.59 29.24
CA GLU B 448 -33.94 14.33 30.50
C GLU B 448 -33.50 12.87 30.54
N1 PLR C . 9.29 3.98 -7.41
C2 PLR C . 10.57 3.63 -7.38
C2A PLR C . 11.57 4.48 -8.08
C3 PLR C . 10.98 2.50 -6.68
O3 PLR C . 12.29 2.17 -6.67
C4 PLR C . 10.03 1.70 -6.01
C4A PLR C . 10.45 0.51 -5.26
C5 PLR C . 8.68 2.10 -6.06
C6 PLR C . 8.37 3.22 -6.78
C5A PLR C . 7.60 1.30 -5.40
O4P PLR C . 7.66 1.32 -3.93
P PLR C . 7.02 0.07 -3.13
O1P PLR C . 7.87 -1.12 -3.46
O2P PLR C . 7.08 0.44 -1.69
O3P PLR C . 5.64 -0.05 -3.67
N1 PLR D . -11.97 -2.89 0.96
C2 PLR D . -12.78 -2.69 2.00
C2A PLR D . -14.09 -3.40 2.05
C3 PLR D . -12.38 -1.86 3.06
O3 PLR D . -13.22 -1.70 4.11
C4 PLR D . -11.13 -1.22 3.00
C4A PLR D . -10.70 -0.36 4.09
C5 PLR D . -10.30 -1.45 1.90
C6 PLR D . -10.78 -2.27 0.90
C5A PLR D . -8.97 -0.78 1.75
O4P PLR D . -7.94 -1.24 2.67
P PLR D . -6.75 -0.25 3.09
O1P PLR D . -6.14 0.20 1.79
O2P PLR D . -7.37 0.87 3.84
O3P PLR D . -5.79 -1.04 3.92
#